data_3RQE
#
_entry.id   3RQE
#
_cell.length_a   63.161
_cell.length_b   117.989
_cell.length_c   123.693
_cell.angle_alpha   90.00
_cell.angle_beta   90.00
_cell.angle_gamma   90.00
#
_symmetry.space_group_name_H-M   'P 21 21 21'
#
loop_
_entity.id
_entity.type
_entity.pdbx_description
1 polymer 'Programmed cell death protein 10'
2 polymer 'Paxillin LD1 peptide'
#
loop_
_entity_poly.entity_id
_entity_poly.type
_entity_poly.pdbx_seq_one_letter_code
_entity_poly.pdbx_strand_id
1 'polypeptide(L)'
;GHMRMTMEEMKNEAETTSMVSMPLYAVMYPVFNELERVNLSAAQTLRAAFIKAEKENPGLTQDIIMKILEKKSVEVNFTE
SLLRMAADDVEEYMIERPEPEFQDLNEKARALKQILSKIPDEINDRVRFLQTIKDIASAIKELLDTVNNVFKKYQYQNRR
ALEHQKKEFVKYSKSFSDTLKTYFKDGKAINVFVSANRLIHQTNLILQTFKTVA
;
A,B,C,D
2 'polypeptide(L)' DDLDALLADLESTT E
#
# COMPACT_ATOMS: atom_id res chain seq x y z
N THR A 17 -3.74 -11.27 5.95
CA THR A 17 -4.92 -10.58 6.57
C THR A 17 -4.49 -9.34 7.40
N SER A 18 -3.40 -8.70 6.94
CA SER A 18 -2.87 -7.46 7.53
C SER A 18 -1.86 -6.80 6.57
N MET A 19 -1.34 -5.64 6.97
CA MET A 19 -0.55 -4.80 6.09
C MET A 19 0.82 -4.43 6.61
N VAL A 20 1.39 -5.27 7.47
CA VAL A 20 2.82 -5.20 7.81
C VAL A 20 3.69 -4.98 6.59
N SER A 21 3.23 -5.48 5.44
CA SER A 21 3.98 -5.39 4.19
C SER A 21 3.62 -4.21 3.27
N MET A 22 2.71 -3.35 3.70
CA MET A 22 2.30 -2.27 2.82
C MET A 22 3.46 -1.42 2.27
N PRO A 23 4.42 -1.02 3.13
CA PRO A 23 5.48 -0.13 2.66
C PRO A 23 6.35 -0.80 1.60
N LEU A 24 6.32 -2.12 1.53
CA LEU A 24 7.05 -2.79 0.46
C LEU A 24 6.49 -2.40 -0.90
N TYR A 25 5.16 -2.31 -0.98
CA TYR A 25 4.54 -1.99 -2.24
C TYR A 25 4.36 -0.50 -2.37
N ALA A 26 4.08 0.16 -1.25
CA ALA A 26 3.77 1.58 -1.28
C ALA A 26 5.01 2.50 -1.36
N VAL A 27 6.15 2.02 -0.84
CA VAL A 27 7.39 2.78 -0.83
C VAL A 27 8.47 2.15 -1.73
N MET A 28 8.93 0.94 -1.40
CA MET A 28 10.05 0.37 -2.15
C MET A 28 9.73 0.08 -3.60
N TYR A 29 8.56 -0.50 -3.88
CA TYR A 29 8.19 -0.72 -5.29
C TYR A 29 8.31 0.53 -6.10
N PRO A 30 7.59 1.60 -5.72
CA PRO A 30 7.73 2.78 -6.54
C PRO A 30 9.17 3.31 -6.54
N VAL A 31 9.94 3.08 -5.49
CA VAL A 31 11.33 3.55 -5.47
C VAL A 31 12.12 2.91 -6.57
N PHE A 32 12.14 1.57 -6.60
CA PHE A 32 12.82 0.81 -7.67
C PHE A 32 12.22 1.10 -9.04
N ASN A 33 10.90 1.08 -9.13
CA ASN A 33 10.23 1.52 -10.34
C ASN A 33 10.76 2.84 -10.84
N GLU A 34 11.02 3.78 -9.95
CA GLU A 34 11.38 5.13 -10.36
C GLU A 34 12.86 5.33 -10.63
N LEU A 35 13.69 4.36 -10.28
CA LEU A 35 15.09 4.47 -10.65
C LEU A 35 15.22 3.95 -12.04
N GLU A 36 14.59 2.80 -12.29
CA GLU A 36 14.71 1.98 -13.51
C GLU A 36 15.48 2.61 -14.68
N ARG A 37 15.14 3.85 -15.03
CA ARG A 37 15.84 4.53 -16.11
C ARG A 37 17.34 4.65 -15.86
N VAL A 38 17.71 4.85 -14.59
CA VAL A 38 19.10 4.90 -14.12
C VAL A 38 19.85 3.62 -14.47
N ASN A 39 19.43 2.50 -13.89
CA ASN A 39 19.92 1.17 -14.24
C ASN A 39 18.84 0.16 -13.91
N LEU A 40 18.43 -0.59 -14.93
CA LEU A 40 17.30 -1.52 -14.86
C LEU A 40 17.58 -2.79 -14.06
N SER A 41 18.76 -3.37 -14.23
CA SER A 41 19.02 -4.70 -13.70
C SER A 41 19.21 -4.73 -12.18
N ALA A 42 19.78 -3.65 -11.63
CA ALA A 42 19.95 -3.50 -10.18
C ALA A 42 18.59 -3.24 -9.51
N ALA A 43 17.87 -2.24 -10.02
CA ALA A 43 16.46 -2.08 -9.71
C ALA A 43 15.77 -3.45 -9.61
N GLN A 44 15.92 -4.29 -10.63
CA GLN A 44 15.29 -5.60 -10.60
C GLN A 44 15.83 -6.49 -9.46
N THR A 45 17.15 -6.63 -9.36
CA THR A 45 17.74 -7.56 -8.39
C THR A 45 17.40 -7.18 -6.95
N LEU A 46 17.31 -5.88 -6.69
CA LEU A 46 16.96 -5.42 -5.35
C LEU A 46 15.48 -5.61 -5.03
N ARG A 47 14.59 -5.24 -5.97
CA ARG A 47 13.14 -5.49 -5.83
C ARG A 47 12.99 -6.92 -5.37
N ALA A 48 13.51 -7.83 -6.19
CA ALA A 48 13.55 -9.26 -5.91
C ALA A 48 14.11 -9.57 -4.54
N ALA A 49 15.19 -8.90 -4.17
CA ALA A 49 15.79 -9.05 -2.85
C ALA A 49 14.80 -8.72 -1.74
N PHE A 50 14.27 -7.50 -1.74
CA PHE A 50 13.36 -7.05 -0.69
C PHE A 50 12.14 -7.94 -0.67
N ILE A 51 11.70 -8.34 -1.87
CA ILE A 51 10.53 -9.18 -2.02
C ILE A 51 10.70 -10.49 -1.30
N LYS A 52 11.85 -11.13 -1.49
CA LYS A 52 12.08 -12.42 -0.86
C LYS A 52 12.23 -12.28 0.66
N ALA A 53 12.95 -11.24 1.06
CA ALA A 53 13.24 -10.98 2.45
C ALA A 53 11.98 -10.57 3.21
N GLU A 54 11.06 -9.90 2.53
CA GLU A 54 9.81 -9.55 3.18
C GLU A 54 8.95 -10.77 3.34
N LYS A 55 8.95 -11.62 2.31
CA LYS A 55 8.12 -12.82 2.33
C LYS A 55 8.46 -13.66 3.57
N GLU A 56 9.75 -13.81 3.86
CA GLU A 56 10.19 -14.57 5.03
C GLU A 56 10.12 -13.80 6.32
N ASN A 57 10.19 -12.48 6.22
CA ASN A 57 10.26 -11.65 7.42
C ASN A 57 9.28 -10.47 7.36
N PRO A 58 7.95 -10.75 7.35
CA PRO A 58 6.97 -9.67 7.36
C PRO A 58 7.31 -8.63 8.41
N GLY A 59 7.31 -7.36 7.99
CA GLY A 59 7.67 -6.27 8.87
C GLY A 59 9.08 -5.77 8.62
N LEU A 60 9.90 -6.63 8.04
CA LEU A 60 11.30 -6.32 7.79
C LEU A 60 11.50 -5.04 6.96
N THR A 61 10.78 -4.89 5.86
CA THR A 61 10.95 -3.72 5.00
C THR A 61 10.70 -2.44 5.77
N GLN A 62 9.70 -2.48 6.63
CA GLN A 62 9.23 -1.29 7.31
C GLN A 62 10.26 -0.81 8.33
N ASP A 63 10.77 -1.76 9.13
CA ASP A 63 11.85 -1.55 10.04
C ASP A 63 13.04 -0.99 9.27
N ILE A 64 13.32 -1.57 8.09
CA ILE A 64 14.41 -1.05 7.25
C ILE A 64 14.18 0.41 6.81
N ILE A 65 12.95 0.75 6.39
CA ILE A 65 12.66 2.10 5.96
C ILE A 65 12.77 3.03 7.14
N MET A 66 12.24 2.59 8.28
CA MET A 66 12.26 3.45 9.48
C MET A 66 13.68 3.78 9.93
N LYS A 67 14.57 2.80 9.81
CA LYS A 67 15.96 3.03 10.19
C LYS A 67 16.62 4.01 9.21
N ILE A 68 16.39 3.84 7.91
CA ILE A 68 16.86 4.83 6.97
C ILE A 68 16.36 6.22 7.33
N LEU A 69 15.07 6.35 7.59
CA LEU A 69 14.53 7.64 7.90
C LEU A 69 15.25 8.22 9.14
N GLU A 70 15.64 7.38 10.10
CA GLU A 70 16.29 7.84 11.34
C GLU A 70 17.63 8.50 11.08
N LYS A 71 18.16 8.30 9.87
CA LYS A 71 19.51 8.74 9.55
C LYS A 71 19.50 10.01 8.73
N LYS A 72 18.34 10.61 8.56
CA LYS A 72 18.19 11.90 7.88
C LYS A 72 19.37 12.87 8.06
N SER A 73 20.01 12.88 9.21
CA SER A 73 21.04 13.87 9.50
C SER A 73 22.23 13.69 8.63
N VAL A 74 22.84 12.53 8.80
CA VAL A 74 23.92 12.01 8.00
C VAL A 74 23.61 12.26 6.55
N GLU A 75 22.43 11.84 6.15
CA GLU A 75 21.99 11.95 4.78
C GLU A 75 21.94 13.38 4.28
N VAL A 76 21.45 14.28 5.10
CA VAL A 76 21.43 15.71 4.79
C VAL A 76 22.83 16.24 4.70
N ASN A 77 23.63 15.97 5.74
CA ASN A 77 25.05 16.31 5.71
C ASN A 77 25.65 15.83 4.38
N PHE A 78 25.45 14.56 4.02
CA PHE A 78 25.99 14.05 2.75
C PHE A 78 25.49 14.80 1.52
N THR A 79 24.20 15.00 1.37
CA THR A 79 23.75 15.79 0.23
C THR A 79 24.37 17.20 0.12
N GLU A 80 24.57 17.87 1.24
CA GLU A 80 25.26 19.17 1.25
C GLU A 80 26.64 19.08 0.66
N SER A 81 27.36 18.03 1.03
CA SER A 81 28.69 17.74 0.56
C SER A 81 28.81 17.49 -0.98
N LEU A 82 27.95 16.63 -1.54
CA LEU A 82 27.83 16.50 -2.98
C LEU A 82 27.60 17.87 -3.61
N LEU A 83 26.63 18.62 -3.11
CA LEU A 83 26.39 19.93 -3.63
C LEU A 83 27.68 20.79 -3.61
N ARG A 84 28.34 20.89 -2.46
CA ARG A 84 29.59 21.65 -2.41
C ARG A 84 30.57 21.09 -3.41
N MET A 85 30.58 19.77 -3.57
CA MET A 85 31.54 19.13 -4.46
C MET A 85 31.19 19.46 -5.88
N ALA A 86 29.89 19.64 -6.13
CA ALA A 86 29.36 19.68 -7.50
C ALA A 86 29.89 20.84 -8.33
N ALA A 87 30.34 21.90 -7.64
CA ALA A 87 30.98 23.06 -8.27
C ALA A 87 32.33 22.68 -8.83
N ASP A 88 33.39 22.92 -8.06
CA ASP A 88 34.75 22.83 -8.58
C ASP A 88 34.85 21.98 -9.85
N ASP A 89 35.15 22.71 -10.92
CA ASP A 89 35.18 22.25 -12.32
C ASP A 89 35.57 20.80 -12.52
N VAL A 90 34.56 19.97 -12.74
CA VAL A 90 34.78 18.59 -13.09
C VAL A 90 35.06 18.57 -14.59
N GLU A 91 36.15 17.91 -14.97
CA GLU A 91 36.63 17.81 -16.34
C GLU A 91 35.60 17.14 -17.27
N GLU A 92 35.81 17.21 -18.59
CA GLU A 92 34.81 16.84 -19.60
C GLU A 92 33.79 17.96 -19.80
N GLU A 99 37.38 30.20 -29.63
CA GLU A 99 36.67 31.45 -29.90
C GLU A 99 36.34 32.19 -28.61
N PRO A 100 36.19 33.54 -28.66
CA PRO A 100 35.91 34.34 -27.47
C PRO A 100 34.65 33.93 -26.69
N GLU A 101 33.67 33.35 -27.37
CA GLU A 101 32.46 32.84 -26.71
C GLU A 101 32.33 31.31 -26.77
N PHE A 102 33.42 30.64 -27.17
CA PHE A 102 33.64 29.22 -26.89
C PHE A 102 34.13 29.08 -25.45
N GLN A 103 34.80 30.15 -24.98
CA GLN A 103 35.42 30.22 -23.66
C GLN A 103 34.59 31.08 -22.70
N ASP A 104 34.20 32.28 -23.16
CA ASP A 104 33.46 33.23 -22.33
C ASP A 104 31.98 32.89 -22.16
N LEU A 105 31.61 31.70 -22.64
CA LEU A 105 30.34 31.06 -22.26
C LEU A 105 30.53 30.35 -20.92
N ASN A 106 31.67 29.66 -20.79
CA ASN A 106 31.97 28.78 -19.65
C ASN A 106 32.01 29.47 -18.28
N GLU A 107 32.14 30.80 -18.28
CA GLU A 107 32.14 31.60 -17.06
C GLU A 107 30.75 31.60 -16.40
N LYS A 108 29.72 31.87 -17.21
CA LYS A 108 28.33 31.84 -16.76
C LYS A 108 27.85 30.45 -16.32
N ALA A 109 28.44 29.39 -16.89
CA ALA A 109 28.27 28.03 -16.40
C ALA A 109 28.95 27.92 -15.05
N ARG A 110 30.28 27.98 -15.06
CA ARG A 110 31.12 28.07 -13.87
C ARG A 110 30.48 28.87 -12.73
N ALA A 111 30.05 30.10 -13.00
CA ALA A 111 29.45 30.97 -11.97
C ALA A 111 28.13 30.44 -11.41
N LEU A 112 27.26 29.93 -12.27
CA LEU A 112 25.99 29.35 -11.84
C LEU A 112 26.26 28.16 -10.91
N LYS A 113 27.06 27.22 -11.42
CA LYS A 113 27.49 26.07 -10.66
C LYS A 113 28.01 26.48 -9.29
N GLN A 114 28.76 27.59 -9.25
CA GLN A 114 29.39 28.07 -8.02
C GLN A 114 28.38 28.61 -7.00
N ILE A 115 27.38 29.36 -7.46
CA ILE A 115 26.40 29.87 -6.50
C ILE A 115 25.61 28.70 -5.95
N LEU A 116 25.25 27.78 -6.83
CA LEU A 116 24.44 26.64 -6.45
C LEU A 116 25.14 25.78 -5.39
N SER A 117 26.46 25.70 -5.51
CA SER A 117 27.23 24.82 -4.67
C SER A 117 27.41 25.43 -3.31
N LYS A 118 27.27 26.74 -3.23
CA LYS A 118 27.36 27.46 -1.95
C LYS A 118 26.10 27.35 -1.08
N ILE A 119 24.97 26.99 -1.69
CA ILE A 119 23.67 27.08 -1.03
C ILE A 119 23.72 26.54 0.40
N PRO A 120 24.31 25.35 0.61
CA PRO A 120 24.22 24.72 1.92
C PRO A 120 24.68 25.63 3.06
N ASP A 121 25.59 26.53 2.78
CA ASP A 121 26.14 27.34 3.82
C ASP A 121 25.54 28.75 3.83
N GLU A 122 24.52 28.97 3.00
CA GLU A 122 23.76 30.22 3.01
C GLU A 122 22.33 30.07 3.53
N ILE A 123 21.78 28.87 3.37
CA ILE A 123 20.37 28.63 3.59
C ILE A 123 19.86 28.94 5.01
N ASN A 124 20.67 28.62 6.02
CA ASN A 124 20.27 28.72 7.43
C ASN A 124 20.27 30.15 7.98
N ASP A 125 20.17 31.13 7.09
CA ASP A 125 20.20 32.55 7.43
C ASP A 125 19.39 33.33 6.40
N ARG A 126 18.17 33.74 6.78
CA ARG A 126 17.16 34.26 5.85
C ARG A 126 17.61 35.40 4.95
N VAL A 127 18.38 36.33 5.51
CA VAL A 127 18.84 37.51 4.75
C VAL A 127 19.91 37.13 3.72
N ARG A 128 20.93 36.40 4.17
CA ARG A 128 22.02 36.05 3.28
C ARG A 128 21.53 35.07 2.21
N PHE A 129 20.51 34.30 2.57
CA PHE A 129 19.80 33.43 1.62
C PHE A 129 18.82 34.22 0.73
N LEU A 130 18.22 35.28 1.27
CA LEU A 130 17.47 36.26 0.49
C LEU A 130 18.36 36.69 -0.67
N GLN A 131 19.62 37.00 -0.33
CA GLN A 131 20.58 37.51 -1.29
C GLN A 131 21.02 36.41 -2.24
N THR A 132 21.13 35.20 -1.73
CA THR A 132 21.56 34.04 -2.52
C THR A 132 20.66 33.83 -3.73
N ILE A 133 19.36 33.79 -3.47
CA ILE A 133 18.37 33.51 -4.50
C ILE A 133 18.46 34.55 -5.62
N LYS A 134 18.50 35.82 -5.21
CA LYS A 134 18.72 36.93 -6.12
C LYS A 134 19.89 36.63 -7.05
N ASP A 135 21.00 36.21 -6.45
CA ASP A 135 22.23 35.92 -7.18
C ASP A 135 22.11 34.71 -8.10
N ILE A 136 21.29 33.72 -7.72
CA ILE A 136 21.08 32.57 -8.59
C ILE A 136 20.16 32.96 -9.72
N ALA A 137 19.02 33.55 -9.35
CA ALA A 137 18.07 34.09 -10.33
C ALA A 137 18.83 34.92 -11.35
N SER A 138 19.64 35.86 -10.84
CA SER A 138 20.59 36.59 -11.66
C SER A 138 21.42 35.63 -12.51
N ALA A 139 22.08 34.67 -11.83
CA ALA A 139 23.05 33.79 -12.45
C ALA A 139 22.49 32.95 -13.59
N ILE A 140 21.27 32.46 -13.44
CA ILE A 140 20.64 31.65 -14.48
C ILE A 140 20.17 32.55 -15.62
N LYS A 141 19.47 33.62 -15.25
CA LYS A 141 18.86 34.55 -16.21
C LYS A 141 19.91 35.07 -17.16
N GLU A 142 21.11 35.28 -16.63
CA GLU A 142 22.20 35.81 -17.42
C GLU A 142 23.03 34.69 -18.01
N LEU A 143 22.86 33.49 -17.49
CA LEU A 143 23.34 32.31 -18.19
C LEU A 143 22.45 32.06 -19.39
N LEU A 144 21.14 32.29 -19.18
CA LEU A 144 20.15 32.15 -20.24
C LEU A 144 20.48 33.08 -21.41
N ASP A 145 20.93 34.29 -21.07
CA ASP A 145 21.35 35.28 -22.06
C ASP A 145 22.61 34.88 -22.81
N THR A 146 23.64 34.40 -22.09
CA THR A 146 24.84 33.83 -22.73
C THR A 146 24.49 32.67 -23.69
N VAL A 147 23.45 31.91 -23.33
CA VAL A 147 22.95 30.78 -24.11
C VAL A 147 22.17 31.26 -25.33
N ASN A 148 21.22 32.18 -25.11
CA ASN A 148 20.48 32.83 -26.21
C ASN A 148 21.43 33.54 -27.19
N ASN A 149 22.38 34.30 -26.66
CA ASN A 149 23.32 35.09 -27.46
C ASN A 149 24.48 34.30 -28.10
N VAL A 150 24.48 32.97 -27.92
CA VAL A 150 25.48 32.12 -28.57
C VAL A 150 24.82 31.28 -29.68
N PHE A 151 23.51 31.12 -29.58
CA PHE A 151 22.72 30.38 -30.57
C PHE A 151 23.18 30.75 -31.97
N LYS A 152 23.34 32.06 -32.19
CA LYS A 152 23.67 32.67 -33.48
C LYS A 152 24.98 32.20 -34.12
N LYS A 153 25.80 31.48 -33.35
CA LYS A 153 27.12 31.01 -33.81
C LYS A 153 27.11 29.61 -34.43
N TYR A 154 26.00 28.90 -34.28
CA TYR A 154 25.82 27.61 -34.92
C TYR A 154 24.99 27.77 -36.17
N GLN A 155 25.35 27.04 -37.23
CA GLN A 155 24.49 26.90 -38.40
C GLN A 155 23.05 26.73 -37.93
N TYR A 156 22.17 27.61 -38.42
CA TYR A 156 20.80 27.69 -37.88
C TYR A 156 19.88 26.53 -38.26
N GLN A 157 20.30 25.76 -39.28
CA GLN A 157 19.51 24.63 -39.75
C GLN A 157 19.77 23.35 -38.92
N ASN A 158 20.75 23.40 -38.03
CA ASN A 158 20.96 22.33 -37.05
C ASN A 158 21.14 22.84 -35.61
N ARG A 159 20.00 23.14 -34.99
CA ARG A 159 19.94 23.53 -33.57
C ARG A 159 19.05 22.57 -32.76
N ARG A 160 18.77 21.38 -33.32
CA ARG A 160 17.94 20.37 -32.68
C ARG A 160 18.29 20.12 -31.21
N ALA A 161 19.54 19.72 -30.97
CA ALA A 161 20.06 19.47 -29.61
C ALA A 161 20.14 20.75 -28.76
N LEU A 162 20.59 21.84 -29.36
CA LEU A 162 20.72 23.12 -28.68
C LEU A 162 19.43 23.57 -28.01
N GLU A 163 18.40 23.81 -28.82
CA GLU A 163 17.08 24.24 -28.34
C GLU A 163 16.48 23.20 -27.38
N HIS A 164 16.71 21.92 -27.67
CA HIS A 164 16.29 20.84 -26.80
C HIS A 164 16.87 21.05 -25.40
N GLN A 165 18.20 21.07 -25.31
CA GLN A 165 18.91 21.23 -24.05
C GLN A 165 18.49 22.49 -23.29
N LYS A 166 18.28 23.57 -24.03
CA LYS A 166 17.85 24.84 -23.44
C LYS A 166 16.50 24.65 -22.74
N LYS A 167 15.60 23.90 -23.36
CA LYS A 167 14.29 23.67 -22.75
C LYS A 167 14.44 22.81 -21.49
N GLU A 168 15.23 21.74 -21.62
CA GLU A 168 15.53 20.87 -20.51
C GLU A 168 16.01 21.67 -19.31
N PHE A 169 17.19 22.25 -19.46
CA PHE A 169 17.70 23.21 -18.50
C PHE A 169 16.62 24.12 -17.92
N VAL A 170 15.63 24.48 -18.73
CA VAL A 170 14.52 25.33 -18.30
C VAL A 170 13.47 24.54 -17.49
N LYS A 171 13.17 23.30 -17.92
CA LYS A 171 12.30 22.44 -17.14
C LYS A 171 12.80 22.41 -15.71
N TYR A 172 14.10 22.19 -15.57
CA TYR A 172 14.75 22.02 -14.26
C TYR A 172 14.95 23.30 -13.50
N SER A 173 15.11 24.40 -14.22
CA SER A 173 15.19 25.71 -13.61
C SER A 173 13.82 26.08 -13.04
N LYS A 174 12.77 25.78 -13.82
CA LYS A 174 11.38 25.84 -13.37
C LYS A 174 11.27 25.05 -12.07
N SER A 175 11.61 23.77 -12.17
CA SER A 175 11.55 22.85 -11.06
C SER A 175 12.22 23.40 -9.81
N PHE A 176 13.44 23.89 -9.97
CA PHE A 176 14.16 24.56 -8.92
C PHE A 176 13.34 25.67 -8.19
N SER A 177 12.61 26.48 -8.94
CA SER A 177 11.78 27.55 -8.34
C SER A 177 10.62 27.05 -7.50
N ASP A 178 9.90 26.04 -7.99
CA ASP A 178 8.88 25.38 -7.19
C ASP A 178 9.52 24.85 -5.91
N THR A 179 10.69 24.21 -6.07
CA THR A 179 11.45 23.69 -4.94
C THR A 179 11.80 24.78 -3.93
N LEU A 180 12.25 25.94 -4.41
CA LEU A 180 12.42 27.07 -3.52
C LEU A 180 11.10 27.34 -2.83
N LYS A 181 10.05 27.53 -3.64
CA LYS A 181 8.72 27.88 -3.16
C LYS A 181 8.25 27.00 -2.00
N THR A 182 8.27 25.69 -2.21
CA THR A 182 7.87 24.74 -1.16
C THR A 182 8.74 24.87 0.08
N TYR A 183 10.00 25.27 -0.11
CA TYR A 183 10.95 25.33 1.01
C TYR A 183 10.46 26.25 2.12
N PHE A 184 10.00 27.43 1.76
CA PHE A 184 9.52 28.37 2.77
C PHE A 184 8.26 27.86 3.47
N LYS A 185 7.51 27.00 2.77
CA LYS A 185 6.32 26.35 3.30
C LYS A 185 6.69 25.14 4.16
N ASP A 186 7.77 24.46 3.76
CA ASP A 186 8.20 23.18 4.35
C ASP A 186 9.17 23.34 5.52
N GLY A 187 10.35 23.91 5.22
CA GLY A 187 11.51 23.79 6.08
C GLY A 187 12.35 22.56 5.70
N LYS A 188 11.97 21.90 4.61
CA LYS A 188 12.70 20.74 4.09
C LYS A 188 13.84 21.13 3.14
N ALA A 189 15.01 21.41 3.72
CA ALA A 189 16.19 21.89 3.01
C ALA A 189 16.72 20.94 1.94
N ILE A 190 16.79 19.65 2.26
CA ILE A 190 17.27 18.63 1.31
C ILE A 190 16.73 18.80 -0.10
N ASN A 191 15.44 19.06 -0.22
CA ASN A 191 14.83 19.22 -1.56
C ASN A 191 15.55 20.28 -2.38
N VAL A 192 15.87 21.41 -1.73
CA VAL A 192 16.67 22.45 -2.35
C VAL A 192 17.99 21.89 -2.86
N PHE A 193 18.77 21.24 -1.98
CA PHE A 193 20.05 20.70 -2.38
C PHE A 193 19.85 19.69 -3.51
N VAL A 194 18.90 18.79 -3.34
CA VAL A 194 18.60 17.82 -4.37
C VAL A 194 18.30 18.52 -5.68
N SER A 195 17.37 19.48 -5.65
CA SER A 195 17.05 20.23 -6.87
C SER A 195 18.27 20.93 -7.45
N ALA A 196 18.95 21.70 -6.62
CA ALA A 196 20.14 22.44 -7.03
C ALA A 196 21.19 21.53 -7.63
N ASN A 197 21.26 20.31 -7.15
CA ASN A 197 22.20 19.38 -7.70
C ASN A 197 21.82 19.00 -9.10
N ARG A 198 20.54 18.72 -9.30
CA ARG A 198 20.04 18.31 -10.60
C ARG A 198 20.28 19.41 -11.65
N LEU A 199 19.97 20.64 -11.26
CA LEU A 199 20.29 21.82 -12.06
C LEU A 199 21.76 21.82 -12.49
N ILE A 200 22.66 21.53 -11.56
CA ILE A 200 24.09 21.46 -11.86
C ILE A 200 24.39 20.45 -12.96
N HIS A 201 23.91 19.23 -12.80
CA HIS A 201 24.15 18.21 -13.82
C HIS A 201 23.62 18.80 -15.12
N GLN A 202 22.42 19.37 -15.02
CA GLN A 202 21.79 19.99 -16.15
C GLN A 202 22.72 21.00 -16.78
N THR A 203 23.20 21.95 -15.99
CA THR A 203 24.24 22.86 -16.44
C THR A 203 25.38 22.14 -17.16
N ASN A 204 25.76 20.95 -16.70
CA ASN A 204 26.81 20.19 -17.40
C ASN A 204 26.36 19.70 -18.78
N LEU A 205 25.12 19.24 -18.88
CA LEU A 205 24.57 18.73 -20.14
C LEU A 205 24.56 19.80 -21.24
N ILE A 206 24.08 20.99 -20.90
CA ILE A 206 24.18 22.18 -21.76
C ILE A 206 25.60 22.31 -22.30
N LEU A 207 26.59 22.25 -21.41
CA LEU A 207 28.00 22.33 -21.80
C LEU A 207 28.44 21.15 -22.63
N GLN A 208 27.95 19.95 -22.32
CA GLN A 208 28.21 18.78 -23.15
C GLN A 208 27.56 18.93 -24.53
N THR A 209 26.40 19.59 -24.57
CA THR A 209 25.66 19.82 -25.81
C THR A 209 26.33 20.88 -26.68
N PHE A 210 26.51 22.07 -26.14
CA PHE A 210 27.19 23.17 -26.85
C PHE A 210 28.66 22.85 -27.23
N LYS A 211 29.29 21.96 -26.47
CA LYS A 211 30.65 21.48 -26.77
C LYS A 211 30.66 20.62 -28.03
N THR A 212 29.58 19.86 -28.24
CA THR A 212 29.44 18.98 -29.40
C THR A 212 28.27 19.39 -30.30
N GLU B 15 39.37 5.08 -0.82
CA GLU B 15 40.51 5.49 -1.69
C GLU B 15 40.25 5.19 -3.17
N THR B 16 39.69 4.00 -3.41
CA THR B 16 39.32 3.57 -4.74
C THR B 16 37.80 3.67 -4.98
N THR B 17 37.03 3.90 -3.92
CA THR B 17 35.59 3.98 -4.06
C THR B 17 35.14 5.41 -4.08
N SER B 18 34.11 5.67 -4.88
CA SER B 18 33.60 6.99 -5.11
C SER B 18 32.97 7.59 -3.87
N MET B 19 33.03 8.91 -3.77
CA MET B 19 32.41 9.61 -2.69
C MET B 19 30.91 9.44 -2.75
N VAL B 20 30.36 9.38 -3.95
CA VAL B 20 28.92 9.19 -4.09
C VAL B 20 28.49 7.91 -3.38
N SER B 21 29.40 6.97 -3.15
CA SER B 21 28.99 5.72 -2.56
C SER B 21 28.92 5.76 -1.06
N MET B 22 29.34 6.86 -0.45
CA MET B 22 29.33 6.95 0.99
C MET B 22 28.06 6.45 1.75
N PRO B 23 26.85 6.83 1.31
CA PRO B 23 25.61 6.37 1.99
C PRO B 23 25.52 4.86 2.24
N LEU B 24 26.20 4.09 1.39
CA LEU B 24 26.26 2.64 1.58
C LEU B 24 26.86 2.33 2.92
N TYR B 25 27.88 3.09 3.29
CA TYR B 25 28.55 2.83 4.54
C TYR B 25 27.99 3.62 5.70
N ALA B 26 27.46 4.80 5.46
CA ALA B 26 26.98 5.62 6.55
C ALA B 26 25.55 5.35 6.92
N VAL B 27 24.77 4.80 5.99
CA VAL B 27 23.35 4.54 6.22
C VAL B 27 23.06 3.03 6.16
N MET B 28 23.41 2.36 5.07
CA MET B 28 22.94 0.98 4.92
C MET B 28 23.67 0.02 5.82
N TYR B 29 25.00 0.09 5.87
CA TYR B 29 25.71 -0.83 6.78
C TYR B 29 25.22 -0.73 8.20
N PRO B 30 25.07 0.49 8.74
CA PRO B 30 24.52 0.54 10.12
C PRO B 30 23.19 -0.18 10.17
N VAL B 31 22.32 0.05 9.20
CA VAL B 31 21.02 -0.66 9.12
C VAL B 31 21.18 -2.20 9.14
N PHE B 32 21.94 -2.74 8.20
CA PHE B 32 22.20 -4.17 8.22
C PHE B 32 22.87 -4.69 9.50
N ASN B 33 23.69 -3.88 10.19
CA ASN B 33 24.35 -4.40 11.37
C ASN B 33 23.35 -4.56 12.49
N GLU B 34 22.35 -3.68 12.55
CA GLU B 34 21.29 -3.85 13.55
C GLU B 34 20.43 -5.08 13.23
N LEU B 35 20.11 -5.30 11.96
CA LEU B 35 19.23 -6.38 11.54
C LEU B 35 19.91 -7.76 11.63
N GLU B 36 21.22 -7.77 11.49
CA GLU B 36 22.05 -8.93 11.79
C GLU B 36 21.75 -9.47 13.21
N ARG B 37 21.44 -8.58 14.15
CA ARG B 37 21.14 -8.98 15.52
C ARG B 37 19.85 -9.79 15.62
N VAL B 38 19.14 -9.89 14.50
CA VAL B 38 17.88 -10.59 14.45
C VAL B 38 17.92 -11.67 13.37
N ASN B 39 17.97 -11.27 12.11
CA ASN B 39 18.00 -12.24 11.03
C ASN B 39 19.26 -12.11 10.19
N LEU B 40 20.29 -12.83 10.63
CA LEU B 40 21.59 -12.86 9.98
C LEU B 40 21.53 -13.13 8.47
N SER B 41 20.56 -13.93 8.04
CA SER B 41 20.41 -14.27 6.62
C SER B 41 19.86 -13.10 5.80
N ALA B 42 18.76 -12.53 6.30
CA ALA B 42 18.18 -11.34 5.71
C ALA B 42 19.25 -10.27 5.56
N ALA B 43 19.86 -9.90 6.68
CA ALA B 43 20.98 -9.00 6.69
C ALA B 43 22.03 -9.40 5.67
N GLN B 44 22.57 -10.61 5.76
CA GLN B 44 23.66 -10.98 4.86
C GLN B 44 23.25 -10.77 3.41
N THR B 45 22.08 -11.28 3.06
CA THR B 45 21.63 -11.28 1.68
C THR B 45 21.43 -9.85 1.21
N LEU B 46 20.71 -9.05 2.00
CA LEU B 46 20.42 -7.65 1.68
C LEU B 46 21.69 -6.79 1.61
N ARG B 47 22.58 -6.99 2.58
CA ARG B 47 23.91 -6.40 2.48
C ARG B 47 24.57 -6.78 1.17
N ALA B 48 24.59 -8.08 0.86
CA ALA B 48 25.24 -8.55 -0.37
C ALA B 48 24.64 -7.87 -1.61
N ALA B 49 23.31 -7.80 -1.63
CA ALA B 49 22.58 -7.17 -2.69
C ALA B 49 23.09 -5.77 -2.96
N PHE B 50 23.01 -4.93 -1.93
CA PHE B 50 23.45 -3.54 -2.00
C PHE B 50 24.93 -3.40 -2.42
N ILE B 51 25.82 -4.17 -1.78
CA ILE B 51 27.23 -4.12 -2.12
C ILE B 51 27.48 -4.44 -3.58
N LYS B 52 26.73 -5.39 -4.15
CA LYS B 52 26.88 -5.71 -5.57
C LYS B 52 26.25 -4.62 -6.42
N ALA B 53 25.10 -4.12 -5.99
CA ALA B 53 24.42 -3.09 -6.74
C ALA B 53 25.23 -1.80 -6.78
N GLU B 54 25.81 -1.38 -5.63
CA GLU B 54 26.62 -0.15 -5.56
C GLU B 54 27.92 -0.27 -6.36
N LYS B 55 28.60 -1.41 -6.21
CA LYS B 55 29.80 -1.77 -7.00
C LYS B 55 29.60 -1.46 -8.49
N GLU B 56 28.52 -2.05 -9.03
CA GLU B 56 28.09 -1.84 -10.39
C GLU B 56 27.68 -0.40 -10.70
N ASN B 57 26.90 0.24 -9.83
CA ASN B 57 26.40 1.59 -10.12
C ASN B 57 26.78 2.65 -9.07
N PRO B 58 28.07 2.99 -8.96
CA PRO B 58 28.38 4.03 -8.00
C PRO B 58 27.27 5.09 -7.93
N GLY B 59 26.65 5.24 -6.76
CA GLY B 59 25.64 6.29 -6.51
C GLY B 59 24.19 5.80 -6.38
N LEU B 60 23.98 4.52 -6.66
CA LEU B 60 22.63 3.95 -6.61
C LEU B 60 22.00 4.07 -5.22
N THR B 61 22.71 3.58 -4.20
CA THR B 61 22.23 3.67 -2.83
C THR B 61 21.79 5.07 -2.47
N GLN B 62 22.52 6.06 -2.93
CA GLN B 62 22.16 7.42 -2.62
C GLN B 62 20.80 7.77 -3.23
N ASP B 63 20.57 7.31 -4.45
CA ASP B 63 19.28 7.57 -5.11
C ASP B 63 18.15 6.78 -4.46
N ILE B 64 18.43 5.54 -4.06
CA ILE B 64 17.44 4.78 -3.29
C ILE B 64 17.03 5.57 -2.05
N ILE B 65 18.02 6.04 -1.31
CA ILE B 65 17.77 6.81 -0.11
C ILE B 65 16.97 8.09 -0.39
N MET B 66 17.35 8.83 -1.43
CA MET B 66 16.63 10.09 -1.68
C MET B 66 15.17 9.81 -2.02
N LYS B 67 14.91 8.72 -2.74
CA LYS B 67 13.57 8.47 -3.19
C LYS B 67 12.71 8.07 -2.00
N ILE B 68 13.24 7.18 -1.14
CA ILE B 68 12.59 6.88 0.12
C ILE B 68 12.24 8.16 0.86
N LEU B 69 13.24 9.01 1.13
CA LEU B 69 13.01 10.26 1.84
C LEU B 69 11.96 11.12 1.15
N GLU B 70 11.98 11.18 -0.18
CA GLU B 70 10.98 11.93 -0.91
C GLU B 70 9.58 11.45 -0.59
N LYS B 71 9.50 10.21 -0.10
CA LYS B 71 8.21 9.57 0.14
C LYS B 71 7.87 9.46 1.63
N LYS B 72 8.53 10.26 2.47
CA LYS B 72 8.23 10.25 3.91
C LYS B 72 6.72 10.29 4.24
N SER B 73 5.97 11.10 3.52
CA SER B 73 4.56 11.35 3.84
C SER B 73 3.74 10.06 3.73
N VAL B 74 4.11 9.18 2.80
CA VAL B 74 3.52 7.87 2.75
C VAL B 74 3.72 7.16 4.08
N GLU B 75 4.87 7.36 4.69
CA GLU B 75 5.23 6.65 5.92
C GLU B 75 4.68 7.38 7.18
N VAL B 76 4.45 8.67 7.05
CA VAL B 76 3.85 9.42 8.13
C VAL B 76 2.41 8.93 8.23
N ASN B 77 1.68 9.05 7.12
CA ASN B 77 0.33 8.50 7.05
C ASN B 77 0.30 7.08 7.56
N PHE B 78 1.24 6.27 7.13
CA PHE B 78 1.15 4.88 7.48
C PHE B 78 1.24 4.67 9.00
N THR B 79 2.22 5.34 9.58
CA THR B 79 2.48 5.21 11.00
C THR B 79 1.30 5.83 11.74
N GLU B 80 0.83 6.97 11.30
CA GLU B 80 -0.31 7.54 11.99
C GLU B 80 -1.46 6.51 12.02
N SER B 81 -1.64 5.85 10.89
CA SER B 81 -2.71 4.92 10.65
C SER B 81 -2.69 3.74 11.61
N LEU B 82 -1.55 3.09 11.78
CA LEU B 82 -1.51 1.93 12.69
C LEU B 82 -1.83 2.39 14.07
N LEU B 83 -1.34 3.58 14.41
CA LEU B 83 -1.64 4.15 15.70
C LEU B 83 -3.14 4.34 15.89
N ARG B 84 -3.79 5.08 15.01
CA ARG B 84 -5.23 5.18 15.07
C ARG B 84 -5.96 3.82 15.04
N MET B 85 -5.44 2.84 14.33
CA MET B 85 -6.19 1.61 14.24
C MET B 85 -6.15 0.89 15.58
N ALA B 86 -5.11 1.15 16.35
CA ALA B 86 -4.87 0.44 17.60
C ALA B 86 -6.12 0.43 18.49
N ALA B 87 -6.96 1.45 18.32
CA ALA B 87 -8.22 1.57 19.05
C ALA B 87 -9.06 0.29 19.04
N ASP B 88 -9.02 -0.46 17.95
CA ASP B 88 -9.78 -1.70 17.85
C ASP B 88 -9.11 -2.82 18.63
N ASP B 89 -7.78 -2.79 18.72
CA ASP B 89 -7.00 -3.84 19.39
C ASP B 89 -6.73 -3.56 20.88
N VAL B 90 -7.55 -2.73 21.50
CA VAL B 90 -7.32 -2.28 22.86
C VAL B 90 -7.51 -3.40 23.92
N GLU B 91 -8.48 -4.27 23.66
CA GLU B 91 -8.72 -5.46 24.46
C GLU B 91 -8.07 -6.70 23.86
N GLU B 92 -7.26 -6.51 22.82
CA GLU B 92 -6.43 -7.60 22.29
C GLU B 92 -5.44 -7.96 23.40
N TYR B 93 -5.52 -9.22 23.82
CA TYR B 93 -4.64 -9.81 24.84
C TYR B 93 -5.01 -9.51 26.30
N MET B 94 -6.31 -9.44 26.57
CA MET B 94 -6.80 -9.53 27.94
C MET B 94 -6.49 -10.94 28.45
N ILE B 95 -6.46 -11.10 29.78
CA ILE B 95 -6.21 -12.41 30.38
C ILE B 95 -7.53 -13.03 30.86
N GLU B 96 -7.65 -14.35 30.72
CA GLU B 96 -8.87 -15.07 31.08
C GLU B 96 -8.74 -15.80 32.43
N ARG B 97 -7.89 -15.25 33.31
CA ARG B 97 -7.85 -15.62 34.73
C ARG B 97 -8.49 -14.52 35.59
N PRO B 98 -9.49 -14.88 36.42
CA PRO B 98 -10.33 -13.92 37.13
C PRO B 98 -9.87 -13.64 38.57
N GLU B 99 -9.48 -12.40 38.85
CA GLU B 99 -9.07 -11.94 40.18
C GLU B 99 -8.67 -10.46 40.12
N PRO B 100 -8.63 -9.75 41.27
CA PRO B 100 -8.23 -8.32 41.27
C PRO B 100 -6.76 -8.03 40.94
N GLU B 101 -5.91 -9.05 41.01
CA GLU B 101 -4.51 -8.97 40.60
C GLU B 101 -4.40 -8.88 39.08
N PHE B 102 -5.35 -9.52 38.39
CA PHE B 102 -5.39 -9.61 36.93
C PHE B 102 -6.51 -8.74 36.33
N GLN B 103 -7.48 -8.36 37.16
CA GLN B 103 -8.46 -7.33 36.78
C GLN B 103 -7.76 -5.99 36.61
N ASP B 104 -6.96 -5.62 37.61
CA ASP B 104 -6.26 -4.33 37.63
C ASP B 104 -5.20 -4.22 36.53
N LEU B 105 -4.63 -5.36 36.14
CA LEU B 105 -3.65 -5.37 35.06
C LEU B 105 -4.31 -5.21 33.68
N ASN B 106 -5.36 -6.01 33.44
CA ASN B 106 -6.12 -5.96 32.20
C ASN B 106 -6.49 -4.55 31.81
N GLU B 107 -7.19 -3.85 32.71
CA GLU B 107 -7.78 -2.55 32.42
C GLU B 107 -6.72 -1.47 32.25
N LYS B 108 -5.76 -1.39 33.17
CA LYS B 108 -4.76 -0.33 33.09
C LYS B 108 -3.93 -0.41 31.80
N ALA B 109 -3.93 -1.59 31.17
CA ALA B 109 -3.35 -1.76 29.84
C ALA B 109 -4.33 -1.35 28.74
N ARG B 110 -5.61 -1.66 28.94
CA ARG B 110 -6.64 -1.25 28.00
C ARG B 110 -6.63 0.26 27.90
N ALA B 111 -6.56 0.93 29.05
CA ALA B 111 -6.58 2.39 29.09
C ALA B 111 -5.36 2.97 28.38
N LEU B 112 -4.16 2.61 28.84
CA LEU B 112 -2.94 3.06 28.18
C LEU B 112 -2.98 2.90 26.67
N LYS B 113 -3.36 1.71 26.20
CA LYS B 113 -3.47 1.49 24.76
C LYS B 113 -4.44 2.49 24.15
N GLN B 114 -5.57 2.74 24.83
CA GLN B 114 -6.57 3.68 24.31
C GLN B 114 -6.04 5.11 24.29
N ILE B 115 -5.29 5.49 25.31
CA ILE B 115 -4.75 6.84 25.36
C ILE B 115 -3.80 6.99 24.19
N LEU B 116 -2.90 6.04 24.04
CA LEU B 116 -1.89 6.12 22.99
C LEU B 116 -2.49 6.23 21.59
N SER B 117 -3.59 5.51 21.34
CA SER B 117 -4.22 5.52 20.02
C SER B 117 -4.94 6.82 19.72
N LYS B 118 -5.16 7.65 20.75
CA LYS B 118 -5.80 8.96 20.56
C LYS B 118 -4.78 10.06 20.27
N ILE B 119 -3.50 9.73 20.33
CA ILE B 119 -2.49 10.76 20.09
C ILE B 119 -2.77 11.57 18.82
N PRO B 120 -2.99 10.91 17.67
CA PRO B 120 -3.14 11.65 16.41
C PRO B 120 -4.18 12.76 16.38
N ASP B 121 -5.26 12.62 17.14
CA ASP B 121 -6.30 13.66 17.22
C ASP B 121 -5.84 14.91 18.01
N GLU B 122 -5.00 14.72 19.02
CA GLU B 122 -4.56 15.81 19.89
C GLU B 122 -3.23 16.44 19.46
N ILE B 123 -2.38 15.66 18.78
CA ILE B 123 -0.99 16.07 18.45
C ILE B 123 -0.83 17.44 17.75
N ASN B 124 -1.90 18.04 17.26
CA ASN B 124 -1.78 19.34 16.60
C ASN B 124 -2.15 20.54 17.47
N ASP B 125 -3.18 20.36 18.30
CA ASP B 125 -3.57 21.35 19.30
C ASP B 125 -2.53 21.36 20.45
N ARG B 126 -1.37 21.97 20.20
CA ARG B 126 -0.26 22.01 21.18
C ARG B 126 -0.73 22.29 22.62
N VAL B 127 -1.75 23.15 22.75
CA VAL B 127 -2.39 23.41 24.03
C VAL B 127 -3.01 22.12 24.60
N ARG B 128 -4.10 21.65 23.99
CA ARG B 128 -4.75 20.40 24.43
C ARG B 128 -3.79 19.22 24.51
N PHE B 129 -2.75 19.24 23.68
CA PHE B 129 -1.79 18.13 23.64
C PHE B 129 -0.95 18.01 24.90
N LEU B 130 -0.58 19.15 25.48
CA LEU B 130 0.14 19.17 26.75
C LEU B 130 -0.73 18.57 27.86
N GLN B 131 -2.04 18.84 27.79
CA GLN B 131 -3.00 18.23 28.71
C GLN B 131 -2.94 16.71 28.60
N THR B 132 -2.83 16.24 27.36
CA THR B 132 -2.86 14.82 27.05
C THR B 132 -1.59 14.13 27.55
N ILE B 133 -0.44 14.81 27.40
CA ILE B 133 0.84 14.31 27.92
C ILE B 133 0.69 13.67 29.30
N LYS B 134 0.16 14.46 30.24
CA LYS B 134 -0.01 14.05 31.63
C LYS B 134 -0.82 12.76 31.79
N ASP B 135 -1.90 12.60 31.02
CA ASP B 135 -2.67 11.37 31.07
C ASP B 135 -1.85 10.13 30.74
N ILE B 136 -0.96 10.22 29.76
CA ILE B 136 -0.13 9.08 29.37
C ILE B 136 0.86 8.75 30.49
N ALA B 137 1.59 9.76 30.93
CA ALA B 137 2.48 9.63 32.08
C ALA B 137 1.75 8.94 33.20
N SER B 138 0.49 9.33 33.36
CA SER B 138 -0.38 8.79 34.38
C SER B 138 -0.76 7.34 34.14
N ALA B 139 -1.22 7.02 32.93
CA ALA B 139 -1.64 5.65 32.59
C ALA B 139 -0.49 4.67 32.64
N ILE B 140 0.70 5.16 32.31
CA ILE B 140 1.93 4.39 32.35
C ILE B 140 2.27 4.06 33.79
N LYS B 141 2.34 5.11 34.62
CA LYS B 141 2.65 4.98 36.05
C LYS B 141 1.70 3.99 36.71
N GLU B 142 0.41 4.11 36.39
CA GLU B 142 -0.62 3.21 36.89
C GLU B 142 -0.50 1.78 36.38
N LEU B 143 0.08 1.62 35.20
CA LEU B 143 0.33 0.29 34.66
C LEU B 143 1.50 -0.34 35.41
N LEU B 144 2.54 0.46 35.63
CA LEU B 144 3.69 0.07 36.45
C LEU B 144 3.29 -0.27 37.88
N ASP B 145 2.34 0.50 38.41
CA ASP B 145 1.86 0.30 39.77
C ASP B 145 1.13 -1.04 39.94
N THR B 146 0.64 -1.58 38.84
CA THR B 146 0.02 -2.90 38.84
C THR B 146 0.99 -3.96 38.31
N VAL B 147 2.10 -3.51 37.72
CA VAL B 147 3.20 -4.40 37.34
C VAL B 147 3.99 -4.76 38.60
N ASN B 148 4.48 -3.74 39.30
CA ASN B 148 5.11 -3.90 40.59
C ASN B 148 4.02 -4.08 41.64
N ASN B 149 3.29 -5.19 41.49
CA ASN B 149 2.11 -5.55 42.26
C ASN B 149 1.83 -7.03 42.03
N VAL B 150 2.25 -7.53 40.87
CA VAL B 150 2.11 -8.95 40.52
C VAL B 150 3.45 -9.52 40.05
N PHE B 151 4.42 -8.64 39.84
CA PHE B 151 5.79 -8.97 39.40
C PHE B 151 6.45 -10.09 40.22
N LYS B 152 6.60 -9.85 41.53
CA LYS B 152 7.25 -10.80 42.42
C LYS B 152 6.32 -11.89 42.97
N LYS B 153 5.01 -11.74 42.72
CA LYS B 153 4.01 -12.73 43.12
C LYS B 153 4.28 -14.09 42.49
N TYR B 154 4.74 -14.08 41.24
CA TYR B 154 5.06 -15.32 40.55
C TYR B 154 6.41 -15.24 39.85
N ARG B 159 9.65 -18.59 36.29
CA ARG B 159 9.70 -17.17 36.62
C ARG B 159 10.86 -16.46 35.91
N ARG B 160 12.03 -17.09 35.90
CA ARG B 160 13.24 -16.48 35.35
C ARG B 160 13.11 -16.13 33.86
N ALA B 161 12.99 -17.16 33.03
CA ALA B 161 12.95 -17.01 31.57
C ALA B 161 11.82 -16.09 31.09
N LEU B 162 10.84 -15.87 31.97
CA LEU B 162 9.69 -15.02 31.67
C LEU B 162 9.65 -13.88 32.69
N GLU B 163 10.45 -12.83 32.45
CA GLU B 163 10.63 -11.76 33.44
C GLU B 163 11.17 -10.46 32.86
N HIS B 164 11.96 -10.61 31.80
CA HIS B 164 12.70 -9.52 31.16
C HIS B 164 11.81 -8.42 30.56
N GLN B 165 10.54 -8.74 30.33
CA GLN B 165 9.58 -7.80 29.73
C GLN B 165 9.42 -6.50 30.50
N LYS B 166 9.51 -6.56 31.83
CA LYS B 166 9.40 -5.38 32.68
C LYS B 166 10.48 -4.35 32.35
N LYS B 167 11.69 -4.83 32.07
CA LYS B 167 12.80 -3.98 31.68
C LYS B 167 12.46 -3.18 30.42
N GLU B 168 12.01 -3.90 29.39
CA GLU B 168 11.65 -3.30 28.11
C GLU B 168 10.74 -2.08 28.29
N PHE B 169 9.55 -2.32 28.85
CA PHE B 169 8.51 -1.32 28.96
C PHE B 169 9.01 0.02 29.48
N VAL B 170 9.81 -0.03 30.55
CA VAL B 170 10.35 1.17 31.19
C VAL B 170 11.20 1.96 30.20
N LYS B 171 12.10 1.26 29.51
CA LYS B 171 13.01 1.88 28.57
C LYS B 171 12.23 2.62 27.50
N TYR B 172 11.36 1.89 26.82
CA TYR B 172 10.57 2.42 25.71
C TYR B 172 9.69 3.59 26.15
N SER B 173 9.06 3.48 27.33
CA SER B 173 8.21 4.54 27.85
C SER B 173 8.95 5.83 28.13
N LYS B 174 10.22 5.71 28.47
CA LYS B 174 11.05 6.90 28.57
C LYS B 174 11.36 7.40 27.16
N SER B 175 11.87 6.50 26.32
CA SER B 175 12.18 6.79 24.92
C SER B 175 11.01 7.46 24.21
N PHE B 176 9.82 7.24 24.75
CA PHE B 176 8.61 7.90 24.30
C PHE B 176 8.65 9.39 24.67
N SER B 177 8.80 9.68 25.96
CA SER B 177 8.93 11.05 26.46
C SER B 177 10.07 11.83 25.82
N ASP B 178 11.22 11.17 25.62
CA ASP B 178 12.34 11.77 24.91
C ASP B 178 11.89 12.23 23.53
N THR B 179 11.12 11.37 22.86
CA THR B 179 10.55 11.69 21.55
C THR B 179 9.52 12.82 21.69
N LEU B 180 8.78 12.80 22.80
CA LEU B 180 7.88 13.91 23.13
C LEU B 180 8.60 15.26 23.26
N LYS B 181 9.76 15.26 23.93
CA LYS B 181 10.60 16.46 24.01
C LYS B 181 10.94 16.91 22.59
N THR B 182 11.67 16.06 21.87
CA THR B 182 12.09 16.33 20.51
C THR B 182 10.96 16.92 19.66
N TYR B 183 9.71 16.50 19.92
CA TYR B 183 8.57 16.97 19.13
C TYR B 183 8.37 18.48 19.12
N PHE B 184 8.34 19.11 20.29
CA PHE B 184 8.16 20.58 20.35
C PHE B 184 9.33 21.32 19.73
N LYS B 185 10.51 20.70 19.79
CA LYS B 185 11.69 21.12 19.03
C LYS B 185 11.44 20.90 17.53
N ASP B 186 11.35 19.63 17.11
CA ASP B 186 11.21 19.26 15.71
C ASP B 186 9.90 19.72 15.07
N GLY B 187 8.80 19.04 15.44
CA GLY B 187 7.52 19.18 14.75
C GLY B 187 7.11 17.89 14.05
N LYS B 188 8.08 17.04 13.77
CA LYS B 188 7.87 15.80 13.03
C LYS B 188 7.20 14.70 13.90
N ALA B 189 5.88 14.64 13.83
CA ALA B 189 5.04 13.80 14.70
C ALA B 189 5.25 12.30 14.54
N ILE B 190 5.73 11.91 13.37
CA ILE B 190 6.03 10.52 13.04
C ILE B 190 6.75 9.74 14.16
N ASN B 191 7.81 10.30 14.71
CA ASN B 191 8.54 9.60 15.74
C ASN B 191 7.67 9.38 16.96
N VAL B 192 6.84 10.36 17.26
CA VAL B 192 5.85 10.23 18.33
C VAL B 192 4.89 9.08 18.03
N PHE B 193 4.33 9.08 16.81
CA PHE B 193 3.58 7.95 16.32
C PHE B 193 4.37 6.62 16.43
N VAL B 194 5.59 6.62 15.92
CA VAL B 194 6.39 5.40 15.94
C VAL B 194 6.63 4.86 17.37
N SER B 195 7.09 5.75 18.26
CA SER B 195 7.30 5.37 19.65
C SER B 195 6.00 4.90 20.27
N ALA B 196 4.95 5.70 20.11
CA ALA B 196 3.63 5.35 20.62
C ALA B 196 3.29 3.92 20.24
N ASN B 197 3.49 3.60 18.96
CA ASN B 197 3.26 2.25 18.45
C ASN B 197 4.04 1.18 19.21
N ARG B 198 5.35 1.37 19.32
CA ARG B 198 6.21 0.41 20.03
C ARG B 198 5.70 0.15 21.43
N LEU B 199 5.35 1.24 22.12
CA LEU B 199 4.82 1.17 23.47
C LEU B 199 3.60 0.26 23.50
N ILE B 200 2.67 0.43 22.55
CA ILE B 200 1.53 -0.46 22.50
C ILE B 200 1.97 -1.90 22.30
N HIS B 201 2.97 -2.10 21.45
CA HIS B 201 3.44 -3.46 21.24
C HIS B 201 3.98 -4.05 22.56
N GLN B 202 4.80 -3.27 23.25
CA GLN B 202 5.40 -3.71 24.50
C GLN B 202 4.34 -4.08 25.52
N THR B 203 3.22 -3.36 25.50
CA THR B 203 2.17 -3.60 26.46
C THR B 203 1.53 -4.95 26.17
N ASN B 204 1.29 -5.21 24.89
CA ASN B 204 0.79 -6.51 24.47
C ASN B 204 1.74 -7.63 24.84
N LEU B 205 3.04 -7.37 24.71
CA LEU B 205 4.05 -8.34 25.08
C LEU B 205 3.96 -8.70 26.56
N ILE B 206 3.84 -7.70 27.42
CA ILE B 206 3.60 -7.93 28.85
C ILE B 206 2.37 -8.81 29.09
N LEU B 207 1.24 -8.47 28.49
CA LEU B 207 0.00 -9.26 28.60
C LEU B 207 0.08 -10.62 27.87
N GLN B 208 1.16 -10.84 27.13
CA GLN B 208 1.35 -12.11 26.41
C GLN B 208 2.03 -13.20 27.25
N THR B 209 2.92 -12.79 28.17
CA THR B 209 3.59 -13.70 29.10
C THR B 209 2.62 -14.69 29.78
N PHE B 210 1.36 -14.26 29.94
CA PHE B 210 0.34 -15.04 30.65
C PHE B 210 -0.91 -15.22 29.79
N GLY C 1 11.01 -10.77 -18.56
CA GLY C 1 9.97 -11.42 -17.72
C GLY C 1 9.50 -10.39 -16.72
N HIS C 2 9.95 -9.15 -16.92
CA HIS C 2 9.66 -8.10 -15.96
C HIS C 2 9.11 -6.87 -16.64
N MET C 3 8.10 -6.28 -16.01
CA MET C 3 7.44 -5.12 -16.57
C MET C 3 8.46 -3.99 -16.75
N ARG C 4 8.19 -3.10 -17.68
CA ARG C 4 8.96 -1.87 -17.81
C ARG C 4 7.97 -0.74 -17.74
N MET C 5 8.47 0.40 -17.29
CA MET C 5 7.66 1.55 -17.03
C MET C 5 8.14 2.69 -17.90
N THR C 6 7.23 3.48 -18.44
CA THR C 6 7.62 4.65 -19.23
C THR C 6 7.99 5.79 -18.31
N MET C 7 8.62 6.81 -18.88
CA MET C 7 8.92 8.04 -18.17
C MET C 7 7.66 8.66 -17.57
N GLU C 8 6.56 8.63 -18.33
CA GLU C 8 5.30 9.23 -17.91
C GLU C 8 4.66 8.45 -16.76
N GLU C 9 4.69 7.12 -16.85
CA GLU C 9 4.21 6.27 -15.76
C GLU C 9 5.05 6.48 -14.51
N MET C 10 6.37 6.47 -14.68
CA MET C 10 7.31 6.79 -13.60
C MET C 10 6.90 8.10 -12.96
N LYS C 11 6.55 9.08 -13.79
CA LYS C 11 6.26 10.42 -13.30
C LYS C 11 4.91 10.45 -12.55
N ASN C 12 3.93 9.75 -13.09
CA ASN C 12 2.65 9.56 -12.42
C ASN C 12 2.81 8.93 -11.04
N GLU C 13 3.50 7.80 -10.98
CA GLU C 13 3.67 7.05 -9.75
C GLU C 13 4.26 7.86 -8.64
N ALA C 14 5.07 8.83 -9.02
CA ALA C 14 5.73 9.67 -8.03
C ALA C 14 4.74 10.74 -7.59
N GLU C 15 3.94 11.25 -8.51
CA GLU C 15 2.92 12.26 -8.20
C GLU C 15 1.75 11.71 -7.37
N THR C 16 1.65 10.38 -7.28
CA THR C 16 0.49 9.80 -6.65
C THR C 16 0.81 8.93 -5.43
N THR C 17 0.67 9.56 -4.26
CA THR C 17 1.16 9.04 -2.97
C THR C 17 0.24 9.33 -1.78
N SER C 18 -0.88 9.98 -2.05
CA SER C 18 -1.87 10.30 -1.03
C SER C 18 -2.48 9.00 -0.53
N MET C 19 -2.93 8.99 0.73
CA MET C 19 -3.34 7.74 1.36
C MET C 19 -4.45 7.06 0.60
N VAL C 20 -5.35 7.87 0.04
CA VAL C 20 -6.44 7.33 -0.73
C VAL C 20 -5.95 6.46 -1.86
N SER C 21 -4.78 6.75 -2.41
CA SER C 21 -4.26 5.89 -3.45
C SER C 21 -3.59 4.59 -3.03
N MET C 22 -3.34 4.38 -1.74
CA MET C 22 -2.58 3.19 -1.34
C MET C 22 -3.06 1.85 -1.91
N PRO C 23 -4.38 1.68 -2.13
CA PRO C 23 -4.82 0.39 -2.71
C PRO C 23 -4.23 0.12 -4.06
N LEU C 24 -3.87 1.17 -4.79
CA LEU C 24 -3.13 0.92 -6.02
C LEU C 24 -1.91 0.08 -5.67
N TYR C 25 -1.19 0.45 -4.63
CA TYR C 25 0.05 -0.24 -4.28
C TYR C 25 -0.17 -1.53 -3.49
N ALA C 26 -1.13 -1.50 -2.57
CA ALA C 26 -1.29 -2.62 -1.66
C ALA C 26 -2.03 -3.79 -2.31
N VAL C 27 -2.99 -3.50 -3.17
CA VAL C 27 -3.77 -4.54 -3.77
C VAL C 27 -3.34 -4.80 -5.20
N MET C 28 -3.35 -3.79 -6.06
CA MET C 28 -3.09 -4.04 -7.48
C MET C 28 -1.66 -4.44 -7.76
N TYR C 29 -0.72 -3.73 -7.16
CA TYR C 29 0.70 -4.00 -7.43
C TYR C 29 1.14 -5.44 -7.17
N PRO C 30 0.82 -5.99 -5.99
CA PRO C 30 1.12 -7.42 -5.89
C PRO C 30 0.38 -8.23 -6.94
N VAL C 31 -0.87 -7.86 -7.27
CA VAL C 31 -1.57 -8.54 -8.36
C VAL C 31 -0.69 -8.53 -9.60
N PHE C 32 -0.25 -7.35 -10.02
CA PHE C 32 0.59 -7.25 -11.24
C PHE C 32 1.90 -7.97 -11.10
N ASN C 33 2.38 -8.10 -9.86
CA ASN C 33 3.62 -8.79 -9.63
C ASN C 33 3.47 -10.26 -9.98
N GLU C 34 2.33 -10.86 -9.65
CA GLU C 34 2.06 -12.28 -9.95
C GLU C 34 1.69 -12.49 -11.41
N LEU C 35 0.94 -11.55 -11.95
CA LEU C 35 0.51 -11.62 -13.34
C LEU C 35 1.73 -11.67 -14.26
N GLU C 36 2.64 -10.73 -14.05
CA GLU C 36 3.96 -10.61 -14.71
C GLU C 36 4.56 -11.87 -15.35
N ARG C 37 4.61 -12.97 -14.59
CA ARG C 37 5.18 -14.25 -15.03
C ARG C 37 4.29 -14.94 -16.06
N VAL C 38 3.01 -15.07 -15.74
CA VAL C 38 2.00 -15.54 -16.67
C VAL C 38 1.88 -14.66 -17.92
N ASN C 39 1.45 -13.41 -17.77
CA ASN C 39 1.18 -12.55 -18.93
C ASN C 39 1.82 -11.18 -18.85
N LEU C 40 3.04 -11.08 -19.36
CA LEU C 40 3.82 -9.85 -19.35
C LEU C 40 3.07 -8.71 -20.01
N SER C 41 2.51 -8.96 -21.20
CA SER C 41 1.78 -7.92 -21.92
C SER C 41 0.65 -7.37 -21.09
N ALA C 42 -0.16 -8.28 -20.54
CA ALA C 42 -1.35 -7.92 -19.81
C ALA C 42 -0.96 -7.14 -18.57
N ALA C 43 -0.11 -7.74 -17.74
CA ALA C 43 0.41 -7.11 -16.55
C ALA C 43 0.84 -5.68 -16.82
N GLN C 44 1.68 -5.48 -17.81
CA GLN C 44 2.20 -4.15 -18.10
C GLN C 44 1.11 -3.19 -18.54
N THR C 45 0.30 -3.66 -19.46
CA THR C 45 -0.74 -2.83 -20.03
C THR C 45 -1.73 -2.36 -18.96
N LEU C 46 -2.17 -3.31 -18.13
CA LEU C 46 -3.10 -3.01 -17.07
C LEU C 46 -2.45 -2.18 -16.01
N ARG C 47 -1.19 -2.45 -15.67
CA ARG C 47 -0.53 -1.57 -14.70
C ARG C 47 -0.50 -0.15 -15.19
N ALA C 48 -0.18 0.02 -16.47
CA ALA C 48 -0.11 1.36 -17.06
C ALA C 48 -1.46 2.06 -16.89
N ALA C 49 -2.54 1.36 -17.24
CA ALA C 49 -3.86 1.99 -17.16
C ALA C 49 -4.21 2.43 -15.72
N PHE C 50 -3.97 1.53 -14.76
CA PHE C 50 -4.25 1.87 -13.37
C PHE C 50 -3.44 3.05 -12.93
N ILE C 51 -2.15 3.03 -13.23
CA ILE C 51 -1.32 4.13 -12.80
C ILE C 51 -1.86 5.46 -13.33
N LYS C 52 -2.17 5.52 -14.62
CA LYS C 52 -2.63 6.76 -15.19
C LYS C 52 -3.94 7.21 -14.50
N ALA C 53 -4.95 6.37 -14.62
CA ALA C 53 -6.24 6.66 -14.03
C ALA C 53 -6.19 7.06 -12.56
N GLU C 54 -5.26 6.47 -11.82
CA GLU C 54 -5.17 6.79 -10.40
C GLU C 54 -4.55 8.15 -10.23
N LYS C 55 -3.49 8.43 -10.98
CA LYS C 55 -2.87 9.74 -10.90
C LYS C 55 -3.94 10.78 -11.11
N GLU C 56 -4.74 10.58 -12.15
CA GLU C 56 -5.65 11.59 -12.59
C GLU C 56 -6.86 11.71 -11.68
N ASN C 57 -7.10 10.68 -10.88
CA ASN C 57 -8.25 10.66 -9.99
C ASN C 57 -8.00 9.90 -8.72
N PRO C 58 -7.17 10.44 -7.82
CA PRO C 58 -6.84 9.69 -6.61
C PRO C 58 -8.11 9.22 -5.92
N GLY C 59 -8.20 7.92 -5.67
CA GLY C 59 -9.41 7.33 -5.11
C GLY C 59 -9.98 6.29 -6.05
N LEU C 60 -9.67 6.44 -7.33
CA LEU C 60 -10.29 5.59 -8.34
C LEU C 60 -10.11 4.08 -8.07
N THR C 61 -8.91 3.64 -7.74
CA THR C 61 -8.69 2.22 -7.53
C THR C 61 -9.52 1.64 -6.38
N GLN C 62 -9.58 2.38 -5.29
CA GLN C 62 -10.27 1.96 -4.11
C GLN C 62 -11.74 1.79 -4.48
N ASP C 63 -12.24 2.72 -5.27
CA ASP C 63 -13.63 2.65 -5.70
C ASP C 63 -13.86 1.40 -6.45
N ILE C 64 -12.93 1.06 -7.34
CA ILE C 64 -13.03 -0.13 -8.13
C ILE C 64 -12.93 -1.37 -7.24
N ILE C 65 -12.07 -1.32 -6.24
CA ILE C 65 -11.86 -2.52 -5.46
C ILE C 65 -13.13 -2.77 -4.67
N MET C 66 -13.58 -1.73 -3.93
CA MET C 66 -14.79 -1.82 -3.12
C MET C 66 -16.02 -2.24 -3.90
N LYS C 67 -16.04 -1.93 -5.19
CA LYS C 67 -17.19 -2.30 -6.02
C LYS C 67 -17.13 -3.78 -6.34
N ILE C 68 -15.92 -4.26 -6.55
CA ILE C 68 -15.70 -5.66 -6.87
C ILE C 68 -16.06 -6.53 -5.69
N LEU C 69 -15.60 -6.16 -4.49
CA LEU C 69 -15.99 -6.88 -3.27
C LEU C 69 -17.51 -6.85 -3.10
N GLU C 70 -18.17 -5.77 -3.53
CA GLU C 70 -19.62 -5.75 -3.46
C GLU C 70 -20.30 -6.81 -4.32
N LYS C 71 -19.54 -7.41 -5.25
CA LYS C 71 -20.07 -8.44 -6.11
C LYS C 71 -19.58 -9.85 -5.75
N LYS C 72 -19.24 -10.04 -4.48
CA LYS C 72 -18.88 -11.33 -3.90
C LYS C 72 -19.88 -12.43 -4.25
N SER C 73 -21.16 -12.13 -4.18
CA SER C 73 -22.18 -13.16 -4.40
C SER C 73 -22.18 -13.66 -5.85
N VAL C 74 -21.99 -12.77 -6.81
CA VAL C 74 -21.85 -13.16 -8.21
C VAL C 74 -20.69 -14.10 -8.41
N GLU C 75 -19.53 -13.79 -7.83
CA GLU C 75 -18.40 -14.68 -7.89
C GLU C 75 -18.62 -15.99 -7.17
N VAL C 76 -19.32 -15.94 -6.05
CA VAL C 76 -19.67 -17.16 -5.36
C VAL C 76 -20.40 -18.10 -6.31
N ASN C 77 -21.46 -17.60 -6.97
CA ASN C 77 -22.16 -18.42 -7.93
C ASN C 77 -21.33 -18.95 -9.10
N PHE C 78 -20.60 -18.06 -9.75
CA PHE C 78 -19.78 -18.43 -10.86
C PHE C 78 -18.92 -19.60 -10.40
N THR C 79 -18.21 -19.41 -9.28
CA THR C 79 -17.38 -20.46 -8.78
C THR C 79 -18.18 -21.74 -8.51
N GLU C 80 -19.42 -21.62 -8.02
CA GLU C 80 -20.25 -22.83 -7.90
C GLU C 80 -20.41 -23.48 -9.27
N SER C 81 -20.79 -22.70 -10.26
CA SER C 81 -20.97 -23.20 -11.61
C SER C 81 -19.72 -23.90 -12.14
N LEU C 82 -18.55 -23.26 -12.02
CA LEU C 82 -17.30 -23.89 -12.44
C LEU C 82 -17.17 -25.26 -11.82
N LEU C 83 -17.27 -25.34 -10.51
CA LEU C 83 -17.20 -26.62 -9.82
C LEU C 83 -18.20 -27.63 -10.36
N ARG C 84 -19.43 -27.19 -10.56
CA ARG C 84 -20.45 -28.08 -11.09
C ARG C 84 -20.01 -28.59 -12.43
N MET C 85 -19.55 -27.70 -13.30
CA MET C 85 -19.16 -28.02 -14.65
C MET C 85 -17.99 -28.98 -14.71
N ALA C 86 -17.12 -28.89 -13.72
CA ALA C 86 -15.88 -29.63 -13.74
C ALA C 86 -16.00 -31.16 -13.96
N ALA C 87 -17.09 -31.79 -13.53
CA ALA C 87 -17.22 -33.26 -13.55
C ALA C 87 -17.63 -33.85 -14.90
N ASP C 88 -17.72 -33.00 -15.91
CA ASP C 88 -18.22 -33.44 -17.19
C ASP C 88 -17.14 -34.13 -18.00
N ASP C 89 -17.24 -33.97 -19.32
CA ASP C 89 -16.38 -34.60 -20.32
C ASP C 89 -15.55 -35.75 -19.75
N VAL C 90 -16.26 -36.81 -19.35
CA VAL C 90 -15.67 -38.07 -18.89
C VAL C 90 -14.71 -38.65 -19.96
N GLU C 91 -15.07 -38.51 -21.24
CA GLU C 91 -14.35 -39.10 -22.40
C GLU C 91 -12.89 -38.64 -22.61
N GLU C 92 -12.62 -37.35 -22.49
CA GLU C 92 -11.36 -36.77 -23.00
C GLU C 92 -10.15 -37.06 -22.12
N TYR C 93 -10.25 -36.75 -20.83
CA TYR C 93 -9.16 -36.93 -19.88
C TYR C 93 -9.00 -38.41 -19.53
N MET C 94 -10.07 -39.19 -19.72
CA MET C 94 -10.06 -40.63 -19.39
C MET C 94 -9.02 -41.42 -20.16
N ILE C 95 -8.78 -42.66 -19.71
CA ILE C 95 -7.87 -43.55 -20.43
C ILE C 95 -8.63 -44.16 -21.61
N GLU C 96 -8.12 -43.88 -22.81
CA GLU C 96 -8.75 -44.28 -24.08
C GLU C 96 -9.10 -45.76 -24.09
N ARG C 97 -8.29 -46.53 -23.37
CA ARG C 97 -8.28 -47.99 -23.45
C ARG C 97 -9.49 -48.68 -22.82
N PRO C 98 -10.16 -49.56 -23.60
CA PRO C 98 -11.21 -50.45 -23.08
C PRO C 98 -10.63 -51.77 -22.58
N GLU C 99 -10.39 -51.86 -21.27
CA GLU C 99 -9.76 -53.00 -20.63
C GLU C 99 -10.58 -53.36 -19.38
N PRO C 100 -10.17 -54.43 -18.65
CA PRO C 100 -10.86 -54.73 -17.39
C PRO C 100 -10.51 -53.76 -16.27
N GLU C 101 -9.26 -53.30 -16.24
CA GLU C 101 -8.75 -52.46 -15.14
C GLU C 101 -8.64 -50.98 -15.53
N PHE C 102 -8.19 -50.74 -16.76
CA PHE C 102 -8.04 -49.36 -17.26
C PHE C 102 -9.39 -48.65 -17.40
N GLN C 103 -10.42 -49.39 -17.79
CA GLN C 103 -11.80 -48.87 -17.80
C GLN C 103 -12.36 -48.75 -16.39
N ASP C 104 -11.82 -49.54 -15.47
CA ASP C 104 -12.25 -49.55 -14.08
C ASP C 104 -11.73 -48.34 -13.32
N LEU C 105 -10.53 -47.88 -13.69
CA LEU C 105 -9.95 -46.66 -13.10
C LEU C 105 -10.76 -45.44 -13.51
N ASN C 106 -11.03 -45.29 -14.80
CA ASN C 106 -11.92 -44.24 -15.29
C ASN C 106 -13.17 -44.18 -14.45
N GLU C 107 -13.74 -45.34 -14.17
CA GLU C 107 -14.99 -45.43 -13.42
C GLU C 107 -14.82 -44.90 -11.99
N LYS C 108 -13.70 -45.22 -11.36
CA LYS C 108 -13.42 -44.71 -10.01
C LYS C 108 -13.02 -43.22 -9.98
N ALA C 109 -12.44 -42.73 -11.08
CA ALA C 109 -12.10 -41.30 -11.24
C ALA C 109 -13.36 -40.46 -11.48
N ARG C 110 -14.18 -40.90 -12.43
CA ARG C 110 -15.46 -40.26 -12.69
C ARG C 110 -16.32 -40.18 -11.43
N ALA C 111 -16.22 -41.18 -10.55
CA ALA C 111 -16.98 -41.17 -9.30
C ALA C 111 -16.63 -39.97 -8.40
N LEU C 112 -15.33 -39.78 -8.14
CA LEU C 112 -14.82 -38.75 -7.23
C LEU C 112 -15.13 -37.30 -7.66
N LYS C 113 -14.68 -36.94 -8.86
CA LYS C 113 -15.03 -35.67 -9.51
C LYS C 113 -16.53 -35.33 -9.36
N GLN C 114 -17.36 -36.35 -9.52
CA GLN C 114 -18.80 -36.22 -9.42
C GLN C 114 -19.23 -35.80 -7.99
N ILE C 115 -18.84 -36.54 -6.96
CA ILE C 115 -19.13 -36.10 -5.59
C ILE C 115 -18.65 -34.66 -5.37
N LEU C 116 -17.48 -34.37 -5.89
CA LEU C 116 -16.82 -33.10 -5.67
C LEU C 116 -17.58 -31.99 -6.35
N SER C 117 -18.09 -32.28 -7.55
CA SER C 117 -18.75 -31.25 -8.33
C SER C 117 -20.08 -30.88 -7.71
N LYS C 118 -20.57 -31.73 -6.80
CA LYS C 118 -21.92 -31.56 -6.22
C LYS C 118 -21.92 -30.77 -4.93
N ILE C 119 -20.72 -30.50 -4.42
CA ILE C 119 -20.58 -29.80 -3.15
C ILE C 119 -21.44 -28.55 -2.97
N PRO C 120 -21.55 -27.67 -4.01
CA PRO C 120 -22.28 -26.44 -3.84
C PRO C 120 -23.72 -26.70 -3.49
N ASP C 121 -24.15 -27.93 -3.68
CA ASP C 121 -25.54 -28.24 -3.51
C ASP C 121 -25.83 -29.06 -2.26
N GLU C 122 -24.77 -29.48 -1.58
CA GLU C 122 -24.86 -30.29 -0.37
C GLU C 122 -24.37 -29.49 0.82
N ILE C 123 -23.65 -28.40 0.56
CA ILE C 123 -22.94 -27.65 1.57
C ILE C 123 -23.86 -26.93 2.57
N ASN C 124 -25.14 -26.87 2.25
CA ASN C 124 -26.09 -26.11 3.04
C ASN C 124 -26.74 -26.90 4.16
N ASP C 125 -27.10 -28.16 3.88
CA ASP C 125 -27.53 -29.07 4.92
C ASP C 125 -26.31 -29.75 5.54
N ARG C 126 -25.99 -29.35 6.78
CA ARG C 126 -24.87 -29.95 7.50
C ARG C 126 -24.89 -31.49 7.50
N VAL C 127 -26.09 -32.06 7.64
CA VAL C 127 -26.28 -33.49 7.58
C VAL C 127 -25.80 -34.08 6.23
N ARG C 128 -26.32 -33.55 5.14
CA ARG C 128 -25.93 -34.00 3.78
C ARG C 128 -24.47 -33.73 3.50
N PHE C 129 -24.02 -32.53 3.88
CA PHE C 129 -22.64 -32.16 3.68
C PHE C 129 -21.70 -33.08 4.44
N LEU C 130 -22.04 -33.35 5.70
CA LEU C 130 -21.33 -34.32 6.53
C LEU C 130 -21.18 -35.66 5.82
N GLN C 131 -22.28 -36.13 5.25
CA GLN C 131 -22.30 -37.36 4.48
C GLN C 131 -21.34 -37.28 3.31
N THR C 132 -21.36 -36.14 2.64
CA THR C 132 -20.55 -35.90 1.46
C THR C 132 -19.06 -35.90 1.81
N ILE C 133 -18.70 -35.32 2.94
CA ILE C 133 -17.31 -35.43 3.38
C ILE C 133 -16.93 -36.91 3.40
N LYS C 134 -17.76 -37.73 4.04
CA LYS C 134 -17.52 -39.17 4.09
C LYS C 134 -17.40 -39.76 2.67
N ASP C 135 -18.45 -39.59 1.87
CA ASP C 135 -18.45 -40.12 0.49
C ASP C 135 -17.20 -39.75 -0.27
N ILE C 136 -16.72 -38.52 -0.04
CA ILE C 136 -15.51 -38.03 -0.68
C ILE C 136 -14.35 -38.87 -0.18
N ALA C 137 -14.25 -39.03 1.14
CA ALA C 137 -13.18 -39.82 1.73
C ALA C 137 -13.11 -41.20 1.07
N SER C 138 -14.25 -41.87 0.98
CA SER C 138 -14.33 -43.13 0.26
C SER C 138 -13.75 -42.93 -1.14
N ALA C 139 -14.46 -42.17 -1.97
CA ALA C 139 -14.02 -41.95 -3.35
C ALA C 139 -12.50 -41.79 -3.51
N ILE C 140 -11.87 -41.11 -2.55
CA ILE C 140 -10.43 -40.93 -2.52
C ILE C 140 -9.68 -42.22 -2.17
N LYS C 141 -10.03 -42.84 -1.04
CA LYS C 141 -9.47 -44.13 -0.61
C LYS C 141 -9.68 -45.20 -1.67
N GLU C 142 -10.90 -45.29 -2.18
CA GLU C 142 -11.29 -46.23 -3.21
C GLU C 142 -10.49 -45.98 -4.49
N LEU C 143 -10.20 -44.71 -4.80
CA LEU C 143 -9.50 -44.37 -6.05
C LEU C 143 -8.00 -44.64 -5.99
N LEU C 144 -7.37 -44.21 -4.89
CA LEU C 144 -5.93 -44.39 -4.72
C LEU C 144 -5.49 -45.87 -4.69
N ASP C 145 -6.40 -46.76 -4.28
CA ASP C 145 -6.22 -48.19 -4.43
C ASP C 145 -6.15 -48.57 -5.91
N THR C 146 -7.21 -48.26 -6.66
CA THR C 146 -7.30 -48.52 -8.10
C THR C 146 -6.08 -47.99 -8.88
N VAL C 147 -5.30 -47.13 -8.25
CA VAL C 147 -4.06 -46.62 -8.83
C VAL C 147 -2.90 -47.60 -8.58
N ASN C 148 -2.83 -48.11 -7.35
CA ASN C 148 -1.77 -49.01 -6.92
C ASN C 148 -2.03 -50.47 -7.31
N ASN C 149 -3.18 -50.69 -7.94
CA ASN C 149 -3.51 -51.96 -8.60
C ASN C 149 -3.06 -51.91 -10.07
N VAL C 150 -2.76 -50.70 -10.55
CA VAL C 150 -2.33 -50.46 -11.93
C VAL C 150 -1.11 -49.53 -11.95
N ARG C 160 10.61 -40.75 -12.58
CA ARG C 160 9.39 -41.18 -11.95
C ARG C 160 8.45 -39.99 -11.73
N ALA C 161 7.88 -39.51 -12.84
CA ALA C 161 6.94 -38.39 -12.82
C ALA C 161 5.56 -38.81 -12.32
N LEU C 162 5.27 -40.10 -12.40
CA LEU C 162 4.00 -40.66 -11.94
C LEU C 162 3.88 -40.57 -10.42
N GLU C 163 4.99 -40.86 -9.74
CA GLU C 163 5.14 -40.66 -8.30
C GLU C 163 4.74 -39.24 -7.88
N HIS C 164 5.19 -38.25 -8.67
CA HIS C 164 4.93 -36.83 -8.41
C HIS C 164 3.42 -36.52 -8.38
N GLN C 165 2.67 -37.16 -9.27
CA GLN C 165 1.22 -37.01 -9.32
C GLN C 165 0.52 -37.60 -8.08
N LYS C 166 0.94 -38.80 -7.69
CA LYS C 166 0.51 -39.40 -6.45
C LYS C 166 0.74 -38.44 -5.28
N LYS C 167 1.91 -37.81 -5.26
CA LYS C 167 2.27 -36.85 -4.22
C LYS C 167 1.38 -35.60 -4.28
N GLU C 168 1.28 -35.02 -5.47
CA GLU C 168 0.47 -33.82 -5.69
C GLU C 168 -1.00 -34.07 -5.37
N PHE C 169 -1.57 -35.14 -5.93
CA PHE C 169 -2.96 -35.48 -5.64
C PHE C 169 -3.23 -35.53 -4.16
N VAL C 170 -2.40 -36.27 -3.42
CA VAL C 170 -2.56 -36.45 -1.99
C VAL C 170 -2.34 -35.12 -1.25
N LYS C 171 -1.48 -34.28 -1.80
CA LYS C 171 -1.21 -32.97 -1.24
C LYS C 171 -2.45 -32.09 -1.36
N TYR C 172 -3.02 -32.05 -2.56
CA TYR C 172 -4.25 -31.32 -2.82
C TYR C 172 -5.44 -31.96 -2.09
N SER C 173 -5.37 -33.28 -1.93
CA SER C 173 -6.31 -34.03 -1.10
C SER C 173 -6.29 -33.52 0.35
N LYS C 174 -5.10 -33.34 0.89
CA LYS C 174 -4.93 -32.84 2.25
C LYS C 174 -5.42 -31.39 2.40
N SER C 175 -5.06 -30.58 1.41
CA SER C 175 -5.40 -29.16 1.39
C SER C 175 -6.92 -28.96 1.40
N PHE C 176 -7.64 -29.81 0.67
CA PHE C 176 -9.10 -29.76 0.65
C PHE C 176 -9.68 -29.95 2.05
N SER C 177 -9.15 -30.94 2.79
CA SER C 177 -9.52 -31.15 4.20
C SER C 177 -9.23 -29.90 5.03
N ASP C 178 -8.06 -29.33 4.83
CA ASP C 178 -7.67 -28.15 5.56
C ASP C 178 -8.73 -27.06 5.36
N THR C 179 -9.00 -26.74 4.09
CA THR C 179 -9.98 -25.72 3.74
C THR C 179 -11.34 -26.04 4.32
N LEU C 180 -11.68 -27.34 4.30
CA LEU C 180 -12.90 -27.82 4.89
C LEU C 180 -12.97 -27.39 6.35
N LYS C 181 -11.96 -27.78 7.12
CA LYS C 181 -11.85 -27.44 8.55
C LYS C 181 -12.03 -25.95 8.84
N THR C 182 -11.53 -25.08 7.96
CA THR C 182 -11.70 -23.64 8.11
C THR C 182 -13.13 -23.16 7.88
N TYR C 183 -13.87 -23.81 6.97
CA TYR C 183 -15.22 -23.37 6.59
C TYR C 183 -16.20 -23.45 7.77
N PHE C 184 -16.06 -24.51 8.56
CA PHE C 184 -16.82 -24.68 9.79
C PHE C 184 -16.40 -23.68 10.89
N LYS C 185 -15.32 -22.97 10.62
CA LYS C 185 -14.89 -21.88 11.47
C LYS C 185 -15.01 -20.52 10.75
N ASP C 186 -15.70 -20.49 9.61
CA ASP C 186 -15.60 -19.30 8.75
C ASP C 186 -16.86 -18.95 7.97
N GLY C 187 -17.61 -19.96 7.54
CA GLY C 187 -18.81 -19.78 6.71
C GLY C 187 -18.54 -19.26 5.30
N LYS C 188 -17.32 -19.40 4.83
CA LYS C 188 -16.94 -18.88 3.52
C LYS C 188 -16.78 -20.03 2.52
N ALA C 189 -17.92 -20.45 1.99
CA ALA C 189 -18.03 -21.55 1.05
C ALA C 189 -17.12 -21.44 -0.16
N ILE C 190 -16.78 -20.22 -0.53
CA ILE C 190 -16.02 -20.00 -1.75
C ILE C 190 -14.65 -20.69 -1.69
N ASN C 191 -14.02 -20.68 -0.52
CA ASN C 191 -12.79 -21.44 -0.29
C ASN C 191 -12.97 -22.94 -0.52
N VAL C 192 -14.13 -23.46 -0.13
CA VAL C 192 -14.44 -24.88 -0.36
C VAL C 192 -14.55 -25.22 -1.84
N PHE C 193 -15.32 -24.43 -2.58
CA PHE C 193 -15.48 -24.67 -4.01
C PHE C 193 -14.16 -24.65 -4.77
N VAL C 194 -13.51 -23.50 -4.82
CA VAL C 194 -12.18 -23.36 -5.42
C VAL C 194 -11.29 -24.55 -5.08
N SER C 195 -11.27 -24.90 -3.80
CA SER C 195 -10.50 -26.04 -3.35
C SER C 195 -10.93 -27.32 -4.05
N ALA C 196 -12.18 -27.75 -3.83
CA ALA C 196 -12.71 -28.94 -4.50
C ALA C 196 -12.29 -28.98 -5.98
N ASN C 197 -12.39 -27.82 -6.61
CA ASN C 197 -12.20 -27.72 -8.02
C ASN C 197 -10.75 -28.02 -8.41
N ARG C 198 -9.80 -27.65 -7.55
CA ARG C 198 -8.40 -27.98 -7.78
C ARG C 198 -8.13 -29.48 -7.70
N LEU C 199 -8.69 -30.13 -6.67
CA LEU C 199 -8.66 -31.59 -6.56
C LEU C 199 -9.20 -32.29 -7.82
N ILE C 200 -10.34 -31.85 -8.34
CA ILE C 200 -10.84 -32.38 -9.61
C ILE C 200 -9.79 -32.26 -10.71
N HIS C 201 -9.13 -31.12 -10.81
CA HIS C 201 -8.10 -30.92 -11.80
C HIS C 201 -6.95 -31.90 -11.61
N GLN C 202 -6.47 -32.04 -10.38
CA GLN C 202 -5.39 -32.97 -10.08
C GLN C 202 -5.78 -34.42 -10.39
N THR C 203 -7.07 -34.76 -10.19
CA THR C 203 -7.56 -36.05 -10.62
C THR C 203 -7.42 -36.21 -12.13
N ASN C 204 -7.73 -35.15 -12.88
CA ASN C 204 -7.57 -35.14 -14.33
C ASN C 204 -6.11 -35.34 -14.76
N LEU C 205 -5.20 -34.73 -14.00
CA LEU C 205 -3.76 -34.78 -14.29
C LEU C 205 -3.18 -36.19 -14.14
N ILE C 206 -3.66 -36.92 -13.14
CA ILE C 206 -3.28 -38.32 -12.99
C ILE C 206 -3.58 -39.10 -14.28
N LEU C 207 -4.82 -39.03 -14.76
CA LEU C 207 -5.21 -39.78 -15.96
C LEU C 207 -4.47 -39.33 -17.23
N GLN C 208 -3.89 -38.12 -17.19
CA GLN C 208 -3.14 -37.56 -18.33
C GLN C 208 -1.84 -38.32 -18.57
N THR C 209 -1.22 -38.79 -17.47
CA THR C 209 0.06 -39.51 -17.54
C THR C 209 -0.11 -40.93 -18.08
N PHE C 210 -1.27 -41.54 -17.82
CA PHE C 210 -1.61 -42.85 -18.38
C PHE C 210 -2.30 -42.70 -19.75
N LYS C 211 -2.15 -41.51 -20.32
CA LYS C 211 -2.57 -41.22 -21.70
C LYS C 211 -1.35 -40.99 -22.58
N THR C 212 -0.35 -40.29 -22.03
CA THR C 212 0.87 -39.88 -22.74
C THR C 212 1.59 -41.04 -23.46
N ALA D 14 -12.06 -18.75 -31.58
CA ALA D 14 -11.91 -17.81 -30.45
C ALA D 14 -12.91 -16.65 -30.54
N GLU D 15 -13.82 -16.74 -31.51
CA GLU D 15 -14.90 -15.75 -31.70
C GLU D 15 -16.02 -15.85 -30.62
N THR D 16 -16.43 -17.06 -30.25
CA THR D 16 -17.44 -17.21 -29.20
C THR D 16 -16.79 -17.08 -27.80
N THR D 17 -17.40 -16.25 -26.95
CA THR D 17 -16.92 -16.00 -25.63
C THR D 17 -17.06 -17.27 -24.86
N SER D 18 -16.03 -17.64 -24.09
CA SER D 18 -16.16 -18.83 -23.28
C SER D 18 -16.63 -18.47 -21.89
N MET D 19 -17.23 -19.46 -21.23
CA MET D 19 -17.83 -19.32 -19.92
C MET D 19 -16.88 -18.60 -18.95
N VAL D 20 -15.64 -19.08 -18.94
CA VAL D 20 -14.61 -18.59 -18.07
C VAL D 20 -14.33 -17.10 -18.20
N SER D 21 -14.88 -16.43 -19.21
CA SER D 21 -14.82 -14.97 -19.29
C SER D 21 -16.00 -14.20 -18.71
N MET D 22 -17.01 -14.89 -18.20
CA MET D 22 -18.22 -14.22 -17.76
C MET D 22 -18.03 -13.14 -16.68
N PRO D 23 -17.05 -13.30 -15.77
CA PRO D 23 -16.86 -12.22 -14.81
C PRO D 23 -16.47 -10.89 -15.47
N LEU D 24 -15.79 -10.96 -16.61
CA LEU D 24 -15.63 -9.73 -17.42
C LEU D 24 -16.95 -9.00 -17.53
N TYR D 25 -18.02 -9.73 -17.84
CA TYR D 25 -19.32 -9.10 -18.04
C TYR D 25 -20.17 -8.97 -16.79
N ALA D 26 -20.01 -9.89 -15.86
CA ALA D 26 -20.93 -9.91 -14.74
C ALA D 26 -20.42 -9.02 -13.61
N VAL D 27 -19.12 -8.70 -13.64
CA VAL D 27 -18.47 -7.91 -12.59
C VAL D 27 -17.76 -6.69 -13.13
N MET D 28 -16.87 -6.86 -14.11
CA MET D 28 -16.08 -5.71 -14.57
C MET D 28 -16.91 -4.66 -15.30
N TYR D 29 -17.76 -5.11 -16.21
CA TYR D 29 -18.57 -4.15 -16.97
C TYR D 29 -19.49 -3.23 -16.14
N PRO D 30 -20.22 -3.75 -15.13
CA PRO D 30 -21.05 -2.81 -14.39
C PRO D 30 -20.21 -1.79 -13.69
N VAL D 31 -19.04 -2.23 -13.21
CA VAL D 31 -18.14 -1.33 -12.51
C VAL D 31 -17.78 -0.21 -13.47
N PHE D 32 -17.39 -0.55 -14.69
CA PHE D 32 -17.06 0.47 -15.71
C PHE D 32 -18.26 1.27 -16.18
N ASN D 33 -19.39 0.62 -16.35
CA ASN D 33 -20.59 1.33 -16.72
C ASN D 33 -20.97 2.35 -15.65
N GLU D 34 -20.74 2.01 -14.38
CA GLU D 34 -20.98 2.96 -13.29
C GLU D 34 -19.94 4.07 -13.32
N LEU D 35 -18.68 3.69 -13.53
CA LEU D 35 -17.59 4.64 -13.46
C LEU D 35 -17.69 5.66 -14.57
N GLU D 36 -18.01 5.16 -15.76
CA GLU D 36 -18.23 5.98 -16.96
C GLU D 36 -18.98 7.28 -16.70
N ARG D 37 -20.06 7.18 -15.93
CA ARG D 37 -20.91 8.32 -15.55
C ARG D 37 -20.19 9.47 -14.84
N VAL D 38 -18.99 9.20 -14.30
CA VAL D 38 -18.20 10.25 -13.61
C VAL D 38 -16.75 10.36 -14.08
N ASN D 39 -16.35 9.55 -15.06
CA ASN D 39 -14.95 9.49 -15.45
C ASN D 39 -14.71 8.68 -16.73
N LEU D 40 -15.00 9.32 -17.85
CA LEU D 40 -14.99 8.65 -19.14
C LEU D 40 -13.63 8.05 -19.53
N SER D 41 -12.56 8.83 -19.40
CA SER D 41 -11.26 8.37 -19.86
C SER D 41 -10.81 7.13 -19.09
N ALA D 42 -10.96 7.16 -17.75
CA ALA D 42 -10.65 6.02 -16.91
C ALA D 42 -11.47 4.81 -17.34
N ALA D 43 -12.79 4.95 -17.28
CA ALA D 43 -13.71 3.90 -17.69
C ALA D 43 -13.35 3.30 -19.03
N GLN D 44 -13.13 4.16 -20.02
CA GLN D 44 -12.81 3.71 -21.36
C GLN D 44 -11.48 2.98 -21.40
N THR D 45 -10.45 3.57 -20.78
CA THR D 45 -9.11 3.03 -20.91
C THR D 45 -8.96 1.70 -20.19
N LEU D 46 -9.53 1.62 -18.99
CA LEU D 46 -9.48 0.39 -18.22
C LEU D 46 -10.31 -0.71 -18.88
N ARG D 47 -11.55 -0.40 -19.27
CA ARG D 47 -12.34 -1.41 -19.95
C ARG D 47 -11.62 -1.89 -21.17
N ALA D 48 -11.08 -0.95 -21.93
CA ALA D 48 -10.34 -1.27 -23.16
C ALA D 48 -9.23 -2.25 -22.79
N ALA D 49 -8.52 -1.96 -21.71
CA ALA D 49 -7.40 -2.80 -21.30
C ALA D 49 -7.85 -4.20 -20.87
N PHE D 50 -8.86 -4.26 -20.01
CA PHE D 50 -9.46 -5.55 -19.65
C PHE D 50 -9.95 -6.33 -20.86
N ILE D 51 -10.74 -5.72 -21.75
CA ILE D 51 -11.18 -6.44 -22.95
C ILE D 51 -10.00 -7.07 -23.69
N LYS D 52 -8.99 -6.25 -23.99
CA LYS D 52 -7.85 -6.73 -24.73
C LYS D 52 -7.23 -7.92 -24.00
N ALA D 53 -6.86 -7.72 -22.74
CA ALA D 53 -6.27 -8.79 -21.95
C ALA D 53 -7.11 -10.04 -21.99
N GLU D 54 -8.41 -9.91 -21.74
CA GLU D 54 -9.28 -11.09 -21.63
C GLU D 54 -9.34 -11.82 -22.96
N LYS D 55 -9.57 -11.08 -24.05
CA LYS D 55 -9.46 -11.63 -25.41
C LYS D 55 -8.22 -12.50 -25.61
N GLU D 56 -7.05 -12.02 -25.16
CA GLU D 56 -5.78 -12.69 -25.40
C GLU D 56 -5.46 -13.84 -24.46
N ASN D 57 -5.95 -13.77 -23.23
CA ASN D 57 -5.79 -14.88 -22.29
C ASN D 57 -7.03 -15.02 -21.42
N PRO D 58 -8.08 -15.71 -21.92
CA PRO D 58 -9.35 -15.72 -21.19
C PRO D 58 -9.27 -16.47 -19.86
N GLY D 59 -10.04 -16.00 -18.88
CA GLY D 59 -9.90 -16.48 -17.53
C GLY D 59 -9.08 -15.48 -16.74
N LEU D 60 -8.54 -14.50 -17.45
CA LEU D 60 -7.68 -13.54 -16.84
C LEU D 60 -8.43 -12.66 -15.86
N THR D 61 -9.59 -12.16 -16.30
CA THR D 61 -10.38 -11.31 -15.44
C THR D 61 -10.79 -12.08 -14.21
N GLN D 62 -11.24 -13.32 -14.40
CA GLN D 62 -11.61 -14.12 -13.26
C GLN D 62 -10.41 -14.26 -12.27
N ASP D 63 -9.18 -14.34 -12.79
CA ASP D 63 -8.05 -14.48 -11.87
C ASP D 63 -7.78 -13.22 -11.10
N ILE D 64 -7.93 -12.08 -11.74
CA ILE D 64 -7.73 -10.85 -11.01
C ILE D 64 -8.77 -10.67 -9.91
N ILE D 65 -10.05 -10.96 -10.20
CA ILE D 65 -11.11 -10.76 -9.23
C ILE D 65 -10.79 -11.60 -8.02
N MET D 66 -10.41 -12.85 -8.23
CA MET D 66 -10.04 -13.73 -7.10
C MET D 66 -8.87 -13.19 -6.30
N LYS D 67 -7.86 -12.60 -6.93
CA LYS D 67 -6.75 -12.02 -6.20
C LYS D 67 -7.27 -10.85 -5.32
N ILE D 68 -8.08 -9.98 -5.94
CA ILE D 68 -8.72 -8.88 -5.22
C ILE D 68 -9.63 -9.36 -4.11
N LEU D 69 -10.38 -10.43 -4.35
CA LEU D 69 -11.27 -10.97 -3.30
C LEU D 69 -10.53 -11.52 -2.07
N GLU D 70 -9.38 -12.13 -2.32
CA GLU D 70 -8.57 -12.69 -1.26
C GLU D 70 -8.12 -11.57 -0.34
N LYS D 71 -8.11 -10.35 -0.83
CA LYS D 71 -7.59 -9.23 -0.06
C LYS D 71 -8.68 -8.47 0.70
N LYS D 72 -9.88 -9.04 0.76
CA LYS D 72 -10.99 -8.39 1.45
C LYS D 72 -10.61 -7.77 2.80
N SER D 73 -9.97 -8.56 3.65
CA SER D 73 -9.74 -8.14 5.01
C SER D 73 -8.67 -7.05 5.03
N VAL D 74 -7.57 -7.25 4.33
CA VAL D 74 -6.69 -6.13 4.05
C VAL D 74 -7.53 -4.91 3.71
N GLU D 75 -8.42 -5.08 2.71
CA GLU D 75 -9.21 -4.00 2.16
C GLU D 75 -10.16 -3.36 3.16
N VAL D 76 -10.72 -4.20 4.00
CA VAL D 76 -11.58 -3.72 5.05
C VAL D 76 -10.81 -2.92 6.08
N ASN D 77 -9.65 -3.40 6.51
CA ASN D 77 -8.86 -2.55 7.39
C ASN D 77 -8.62 -1.21 6.77
N PHE D 78 -8.16 -1.26 5.52
CA PHE D 78 -7.73 -0.02 4.92
C PHE D 78 -8.85 1.01 4.87
N THR D 79 -10.07 0.57 4.58
CA THR D 79 -11.16 1.48 4.40
C THR D 79 -11.44 2.19 5.73
N GLU D 80 -11.48 1.43 6.83
CA GLU D 80 -11.72 2.00 8.15
C GLU D 80 -10.68 3.04 8.50
N SER D 81 -9.44 2.62 8.34
CA SER D 81 -8.26 3.42 8.55
C SER D 81 -8.37 4.71 7.74
N LEU D 82 -8.79 4.59 6.49
CA LEU D 82 -8.96 5.80 5.68
C LEU D 82 -10.03 6.68 6.29
N LEU D 83 -11.06 6.08 6.88
CA LEU D 83 -12.09 6.84 7.53
C LEU D 83 -11.58 7.52 8.80
N ARG D 84 -10.80 6.81 9.60
CA ARG D 84 -10.24 7.43 10.80
C ARG D 84 -9.37 8.62 10.46
N MET D 85 -8.66 8.54 9.34
CA MET D 85 -7.67 9.55 8.93
C MET D 85 -8.32 10.80 8.40
N ALA D 86 -9.55 10.66 7.93
CA ALA D 86 -10.34 11.80 7.43
C ALA D 86 -10.26 13.01 8.36
N ALA D 87 -9.92 12.73 9.62
CA ALA D 87 -9.79 13.74 10.67
C ALA D 87 -8.77 14.85 10.38
N ASP D 88 -7.64 14.49 9.80
CA ASP D 88 -6.55 15.43 9.56
C ASP D 88 -6.83 16.36 8.38
N ASP D 89 -7.74 15.91 7.51
CA ASP D 89 -8.13 16.63 6.31
C ASP D 89 -9.42 17.33 6.61
N VAL D 90 -9.26 18.51 7.20
CA VAL D 90 -10.33 19.27 7.76
C VAL D 90 -10.10 20.72 7.32
N GLU D 91 -8.84 21.00 6.96
CA GLU D 91 -8.47 22.21 6.20
C GLU D 91 -8.74 22.00 4.72
N GLU D 92 -8.69 20.73 4.32
CA GLU D 92 -8.70 20.34 2.91
C GLU D 92 -9.65 21.22 2.09
N TYR D 93 -9.05 22.10 1.28
CA TYR D 93 -9.78 23.00 0.38
C TYR D 93 -10.59 24.06 1.14
N GLU D 99 -14.80 36.19 4.72
CA GLU D 99 -16.23 36.47 4.65
C GLU D 99 -17.00 35.61 5.64
N PRO D 100 -18.07 36.18 6.25
CA PRO D 100 -18.92 35.50 7.23
C PRO D 100 -19.63 34.23 6.72
N GLU D 101 -20.53 34.38 5.76
CA GLU D 101 -21.34 33.23 5.29
C GLU D 101 -20.50 32.13 4.65
N PHE D 102 -19.33 32.50 4.14
CA PHE D 102 -18.29 31.53 3.78
C PHE D 102 -17.85 30.80 5.05
N GLN D 103 -17.26 31.53 5.99
CA GLN D 103 -16.75 30.96 7.26
C GLN D 103 -17.65 29.89 7.88
N ASP D 104 -18.96 30.09 7.77
CA ASP D 104 -19.97 29.16 8.29
C ASP D 104 -20.01 27.88 7.46
N LEU D 105 -19.96 28.02 6.13
CA LEU D 105 -19.86 26.86 5.24
C LEU D 105 -18.57 26.07 5.47
N ASN D 106 -17.43 26.72 5.28
CA ASN D 106 -16.11 26.11 5.56
C ASN D 106 -16.04 25.48 6.95
N GLU D 107 -17.00 25.83 7.80
CA GLU D 107 -16.99 25.33 9.17
C GLU D 107 -17.91 24.13 9.35
N LYS D 108 -19.20 24.30 9.09
CA LYS D 108 -20.14 23.20 9.23
C LYS D 108 -19.76 22.04 8.30
N ALA D 109 -18.85 22.30 7.37
CA ALA D 109 -18.24 21.27 6.54
C ALA D 109 -17.25 20.46 7.36
N ARG D 110 -16.21 21.13 7.85
CA ARG D 110 -15.23 20.53 8.75
C ARG D 110 -15.91 19.67 9.81
N ALA D 111 -17.02 20.17 10.33
CA ALA D 111 -17.73 19.47 11.40
C ALA D 111 -18.29 18.14 10.93
N LEU D 112 -18.84 18.09 9.72
CA LEU D 112 -19.39 16.85 9.20
C LEU D 112 -18.30 15.81 9.04
N LYS D 113 -17.16 16.24 8.50
CA LYS D 113 -16.05 15.33 8.29
C LYS D 113 -15.55 14.81 9.62
N GLN D 114 -15.55 15.65 10.64
CA GLN D 114 -14.99 15.22 11.91
C GLN D 114 -15.90 14.17 12.58
N ILE D 115 -17.22 14.29 12.37
CA ILE D 115 -18.16 13.33 12.94
C ILE D 115 -18.03 11.99 12.25
N LEU D 116 -18.15 12.01 10.94
CA LEU D 116 -17.98 10.82 10.11
C LEU D 116 -16.68 10.11 10.42
N SER D 117 -15.61 10.86 10.60
CA SER D 117 -14.35 10.26 10.96
C SER D 117 -14.29 9.67 12.35
N LYS D 118 -15.26 9.99 13.21
CA LYS D 118 -15.33 9.29 14.50
C LYS D 118 -16.22 8.03 14.43
N ILE D 119 -16.83 7.76 13.27
CA ILE D 119 -17.69 6.57 13.15
C ILE D 119 -17.02 5.26 13.62
N PRO D 120 -15.78 4.97 13.15
CA PRO D 120 -15.18 3.73 13.56
C PRO D 120 -15.12 3.52 15.06
N ASP D 121 -15.04 4.60 15.81
CA ASP D 121 -15.04 4.55 17.28
C ASP D 121 -16.44 4.32 17.85
N GLU D 122 -17.43 4.92 17.22
CA GLU D 122 -18.79 4.90 17.76
C GLU D 122 -19.61 3.71 17.30
N ILE D 123 -19.14 2.98 16.29
CA ILE D 123 -20.01 1.99 15.63
C ILE D 123 -20.30 0.75 16.46
N ASN D 124 -19.39 0.42 17.37
CA ASN D 124 -19.52 -0.82 18.16
C ASN D 124 -20.65 -0.81 19.18
N ASP D 125 -21.13 0.38 19.54
CA ASP D 125 -22.00 0.58 20.70
C ASP D 125 -23.49 0.71 20.35
N ARG D 126 -24.35 0.54 21.36
CA ARG D 126 -25.79 0.77 21.25
C ARG D 126 -26.06 2.25 21.00
N VAL D 127 -25.99 3.05 22.07
CA VAL D 127 -26.43 4.44 22.06
C VAL D 127 -25.42 5.35 21.38
N ARG D 128 -24.15 5.19 21.76
CA ARG D 128 -23.11 6.07 21.23
C ARG D 128 -23.33 6.22 19.73
N PHE D 129 -23.53 5.10 19.05
CA PHE D 129 -23.76 5.09 17.61
C PHE D 129 -25.08 5.77 17.24
N LEU D 130 -26.17 5.37 17.93
CA LEU D 130 -27.47 6.01 17.77
C LEU D 130 -27.35 7.53 17.84
N GLN D 131 -26.67 8.00 18.89
CA GLN D 131 -26.41 9.43 19.04
C GLN D 131 -25.72 9.95 17.80
N THR D 132 -24.60 9.31 17.47
CA THR D 132 -23.77 9.73 16.37
C THR D 132 -24.58 9.85 15.10
N ILE D 133 -25.54 8.94 14.91
CA ILE D 133 -26.39 8.98 13.73
C ILE D 133 -27.24 10.24 13.71
N LYS D 134 -27.76 10.61 14.88
CA LYS D 134 -28.45 11.88 15.01
C LYS D 134 -27.45 13.03 14.84
N ASP D 135 -26.31 12.93 15.53
CA ASP D 135 -25.22 13.88 15.34
C ASP D 135 -24.81 14.08 13.88
N ILE D 136 -24.91 13.03 13.07
CA ILE D 136 -24.61 13.09 11.65
C ILE D 136 -25.72 13.84 10.91
N ALA D 137 -26.97 13.41 11.17
CA ALA D 137 -28.18 13.96 10.55
C ALA D 137 -28.32 15.45 10.82
N SER D 138 -27.89 15.88 12.01
CA SER D 138 -27.85 17.28 12.33
C SER D 138 -26.81 17.97 11.46
N ALA D 139 -25.60 17.44 11.48
CA ALA D 139 -24.49 17.97 10.70
C ALA D 139 -24.75 18.02 9.21
N ILE D 140 -25.47 17.02 8.69
CA ILE D 140 -25.73 16.98 7.26
C ILE D 140 -26.66 18.13 6.89
N LYS D 141 -27.79 18.20 7.60
CA LYS D 141 -28.76 19.28 7.44
C LYS D 141 -28.16 20.66 7.72
N GLU D 142 -27.34 20.77 8.75
CA GLU D 142 -26.68 22.01 9.11
C GLU D 142 -25.84 22.53 7.96
N LEU D 143 -24.99 21.66 7.39
CA LEU D 143 -24.14 22.01 6.24
C LEU D 143 -24.95 22.37 4.99
N LEU D 144 -25.93 21.53 4.70
CA LEU D 144 -26.88 21.74 3.63
C LEU D 144 -27.36 23.19 3.68
N ASP D 145 -27.87 23.59 4.85
CA ASP D 145 -28.38 24.94 5.08
C ASP D 145 -27.35 26.03 4.75
N THR D 146 -26.10 25.83 5.16
CA THR D 146 -25.04 26.83 4.94
C THR D 146 -24.62 26.99 3.48
N VAL D 147 -24.96 26.01 2.66
CA VAL D 147 -24.73 26.10 1.22
C VAL D 147 -25.62 27.21 0.66
N ASN D 148 -26.90 27.17 1.03
CA ASN D 148 -27.86 28.18 0.65
C ASN D 148 -27.54 29.54 1.25
N ASN D 149 -26.77 29.54 2.34
CA ASN D 149 -26.24 30.77 2.95
C ASN D 149 -25.10 31.36 2.10
N VAL D 150 -24.74 30.64 1.04
CA VAL D 150 -23.74 31.09 0.08
C VAL D 150 -24.36 31.18 -1.32
N PHE D 151 -25.24 30.23 -1.66
CA PHE D 151 -26.01 30.27 -2.89
C PHE D 151 -26.98 31.46 -2.84
N LYS D 152 -27.95 31.39 -1.93
CA LYS D 152 -28.94 32.46 -1.75
C LYS D 152 -28.40 33.62 -0.91
N LYS D 153 -27.32 34.24 -1.41
CA LYS D 153 -26.74 35.48 -0.87
C LYS D 153 -25.70 36.06 -1.83
N TYR D 154 -24.92 35.19 -2.47
CA TYR D 154 -23.93 35.60 -3.45
C TYR D 154 -24.41 35.32 -4.88
N ARG D 160 -23.63 28.60 -9.98
CA ARG D 160 -24.03 28.24 -11.34
C ARG D 160 -23.83 26.75 -11.61
N ALA D 161 -22.59 26.28 -11.50
CA ALA D 161 -22.27 24.86 -11.60
C ALA D 161 -22.42 24.17 -10.25
N LEU D 162 -22.85 24.95 -9.25
CA LEU D 162 -22.97 24.50 -7.88
C LEU D 162 -24.19 23.62 -7.68
N GLU D 163 -25.26 23.93 -8.40
CA GLU D 163 -26.54 23.22 -8.29
C GLU D 163 -26.43 21.72 -8.58
N HIS D 164 -25.67 21.36 -9.61
CA HIS D 164 -25.47 19.94 -9.96
C HIS D 164 -24.81 19.13 -8.85
N GLN D 165 -23.90 19.79 -8.11
CA GLN D 165 -23.21 19.19 -6.99
C GLN D 165 -24.19 18.93 -5.85
N LYS D 166 -24.78 20.00 -5.34
CA LYS D 166 -25.84 19.92 -4.32
C LYS D 166 -26.69 18.66 -4.52
N LYS D 167 -27.20 18.49 -5.74
CA LYS D 167 -27.97 17.30 -6.14
C LYS D 167 -27.20 16.02 -5.90
N GLU D 168 -25.94 15.99 -6.34
CA GLU D 168 -25.07 14.83 -6.15
C GLU D 168 -24.80 14.59 -4.67
N PHE D 169 -24.52 15.67 -3.95
CA PHE D 169 -24.26 15.57 -2.52
C PHE D 169 -25.43 14.92 -1.79
N VAL D 170 -26.63 15.42 -2.05
CA VAL D 170 -27.82 14.94 -1.40
C VAL D 170 -28.07 13.48 -1.76
N LYS D 171 -27.75 13.11 -3.00
CA LYS D 171 -27.88 11.72 -3.51
C LYS D 171 -27.07 10.72 -2.68
N TYR D 172 -25.84 11.09 -2.31
CA TYR D 172 -25.00 10.20 -1.51
C TYR D 172 -25.32 10.29 -0.03
N SER D 173 -25.76 11.47 0.39
CA SER D 173 -26.28 11.64 1.74
C SER D 173 -27.47 10.70 1.93
N LYS D 174 -28.34 10.67 0.93
CA LYS D 174 -29.45 9.75 0.91
C LYS D 174 -28.89 8.34 0.85
N SER D 175 -27.92 8.13 -0.04
CA SER D 175 -27.28 6.82 -0.21
C SER D 175 -26.63 6.34 1.10
N PHE D 176 -25.98 7.26 1.82
CA PHE D 176 -25.42 6.97 3.12
C PHE D 176 -26.45 6.53 4.15
N SER D 177 -27.61 7.21 4.17
CA SER D 177 -28.70 6.80 5.05
C SER D 177 -29.24 5.42 4.70
N ASP D 178 -29.26 5.09 3.40
CA ASP D 178 -29.59 3.73 2.95
C ASP D 178 -28.72 2.72 3.67
N THR D 179 -27.40 2.89 3.52
CA THR D 179 -26.39 2.01 4.11
C THR D 179 -26.66 1.78 5.61
N LEU D 180 -26.97 2.87 6.30
CA LEU D 180 -27.11 2.83 7.74
C LEU D 180 -28.18 1.85 8.19
N LYS D 181 -29.43 2.03 7.74
CA LYS D 181 -30.50 1.10 8.12
C LYS D 181 -30.31 -0.29 7.53
N THR D 182 -29.60 -0.37 6.40
CA THR D 182 -29.16 -1.65 5.84
C THR D 182 -28.15 -2.30 6.77
N TYR D 183 -27.32 -1.50 7.41
CA TYR D 183 -26.32 -2.04 8.32
C TYR D 183 -27.04 -2.64 9.50
N PHE D 184 -28.12 -1.99 9.92
CA PHE D 184 -28.87 -2.38 11.10
C PHE D 184 -29.55 -3.74 10.97
N LYS D 185 -29.54 -4.25 9.74
CA LYS D 185 -29.90 -5.63 9.47
C LYS D 185 -28.62 -6.48 9.46
N ASP D 186 -27.66 -6.10 8.61
CA ASP D 186 -26.48 -6.91 8.32
C ASP D 186 -25.48 -7.08 9.46
N GLY D 187 -25.17 -5.98 10.15
CA GLY D 187 -24.05 -5.96 11.09
C GLY D 187 -22.72 -5.75 10.37
N LYS D 188 -22.78 -5.61 9.04
CA LYS D 188 -21.64 -5.49 8.15
C LYS D 188 -21.23 -4.03 7.98
N ALA D 189 -20.05 -3.68 8.47
CA ALA D 189 -19.61 -2.28 8.58
C ALA D 189 -19.01 -1.61 7.33
N ILE D 190 -18.16 -2.30 6.58
CA ILE D 190 -17.48 -1.63 5.45
C ILE D 190 -18.44 -0.80 4.62
N ASN D 191 -19.62 -1.33 4.41
CA ASN D 191 -20.65 -0.63 3.66
C ASN D 191 -20.81 0.77 4.22
N VAL D 192 -20.79 0.88 5.54
CA VAL D 192 -20.91 2.16 6.23
C VAL D 192 -19.64 2.98 6.01
N PHE D 193 -18.48 2.38 6.32
CA PHE D 193 -17.19 3.02 6.09
C PHE D 193 -17.03 3.54 4.66
N VAL D 194 -17.43 2.72 3.70
CA VAL D 194 -17.34 3.06 2.29
C VAL D 194 -18.26 4.20 1.98
N SER D 195 -19.49 4.08 2.50
CA SER D 195 -20.50 5.10 2.29
C SER D 195 -20.10 6.40 2.92
N ALA D 196 -19.54 6.32 4.10
CA ALA D 196 -19.08 7.50 4.78
C ALA D 196 -17.98 8.18 3.97
N ASN D 197 -17.05 7.38 3.46
CA ASN D 197 -15.91 7.91 2.73
C ASN D 197 -16.35 8.69 1.51
N ARG D 198 -17.32 8.15 0.76
CA ARG D 198 -17.85 8.85 -0.42
C ARG D 198 -18.49 10.16 0.03
N LEU D 199 -19.32 10.06 1.07
CA LEU D 199 -19.90 11.26 1.62
C LEU D 199 -18.84 12.29 1.97
N ILE D 200 -17.75 11.89 2.60
CA ILE D 200 -16.68 12.83 2.92
C ILE D 200 -16.14 13.41 1.64
N HIS D 201 -16.16 12.61 0.59
CA HIS D 201 -15.66 13.07 -0.69
C HIS D 201 -16.61 14.08 -1.37
N GLN D 202 -17.92 13.84 -1.33
CA GLN D 202 -18.86 14.82 -1.88
C GLN D 202 -18.68 16.14 -1.19
N THR D 203 -18.44 16.11 0.11
CA THR D 203 -18.43 17.36 0.84
C THR D 203 -17.23 18.18 0.39
N ASN D 204 -16.10 17.53 0.19
CA ASN D 204 -14.96 18.18 -0.44
C ASN D 204 -15.31 18.72 -1.83
N LEU D 205 -15.98 17.89 -2.64
CA LEU D 205 -16.39 18.28 -3.99
C LEU D 205 -17.40 19.44 -4.02
N ILE D 206 -18.11 19.66 -2.91
CA ILE D 206 -18.92 20.86 -2.72
C ILE D 206 -17.98 22.02 -2.40
N LEU D 207 -17.07 21.80 -1.46
CA LEU D 207 -16.14 22.83 -0.98
C LEU D 207 -15.12 23.31 -2.02
N GLN D 208 -14.94 22.54 -3.09
CA GLN D 208 -14.08 22.97 -4.19
C GLN D 208 -14.91 23.71 -5.22
N THR D 209 -16.19 23.35 -5.32
CA THR D 209 -17.14 23.99 -6.22
C THR D 209 -17.44 25.45 -5.82
N PHE D 210 -16.39 26.20 -5.48
CA PHE D 210 -16.47 27.65 -5.26
C PHE D 210 -15.18 28.35 -5.69
N ASP E 4 -1.65 -43.12 4.06
CA ASP E 4 -2.96 -43.70 4.48
C ASP E 4 -3.43 -43.04 5.77
N ALA E 5 -2.46 -42.65 6.61
CA ALA E 5 -2.74 -41.96 7.87
C ALA E 5 -3.63 -40.73 7.65
N LEU E 6 -3.24 -39.88 6.69
CA LEU E 6 -4.01 -38.68 6.32
C LEU E 6 -5.41 -39.01 5.83
N LEU E 7 -5.50 -40.07 5.04
CA LEU E 7 -6.76 -40.52 4.44
C LEU E 7 -7.80 -40.88 5.50
N ALA E 8 -7.41 -41.77 6.40
CA ALA E 8 -8.27 -42.18 7.50
C ALA E 8 -8.65 -40.99 8.38
N ASP E 9 -7.72 -40.06 8.53
CA ASP E 9 -7.93 -38.85 9.32
C ASP E 9 -9.04 -37.99 8.72
N LEU E 10 -8.91 -37.70 7.42
CA LEU E 10 -9.91 -36.97 6.66
C LEU E 10 -11.27 -37.67 6.75
N GLU E 11 -11.24 -38.99 6.59
CA GLU E 11 -12.45 -39.81 6.64
C GLU E 11 -13.18 -39.60 7.97
N SER E 12 -12.41 -39.56 9.06
CA SER E 12 -12.96 -39.36 10.40
C SER E 12 -13.45 -37.93 10.62
N THR E 13 -12.77 -36.97 10.01
CA THR E 13 -13.16 -35.55 10.06
C THR E 13 -14.63 -35.38 9.63
#